data_4EY4
#
_entry.id   4EY4
#
_cell.length_a   106.178
_cell.length_b   106.178
_cell.length_c   324.388
_cell.angle_alpha   90.00
_cell.angle_beta   90.00
_cell.angle_gamma   120.00
#
_symmetry.space_group_name_H-M   'P 31 2 1'
#
loop_
_entity.id
_entity.type
_entity.pdbx_description
1 polymer Acetylcholinesterase
2 branched 2-acetamido-2-deoxy-beta-D-glucopyranose-(1-4)-[alpha-L-fucopyranose-(1-6)]2-acetamido-2-deoxy-beta-D-glucopyranose
3 non-polymer 1,2-ETHANEDIOL
4 non-polymer 2-acetamido-2-deoxy-beta-D-glucopyranose
5 non-polymer 'NITRATE ION'
6 non-polymer 3,6,9,12,15,18,21-HEPTAOXATRICOSANE-1,23-DIOL
7 water water
#
_entity_poly.entity_id   1
_entity_poly.type   'polypeptide(L)'
_entity_poly.pdbx_seq_one_letter_code
;GREDAELLVTVRGGRLRGIRLKTPGGPVSAFLGIPFAEPPMGPRRFLPPEPKQPWSGVVDATTFQSVCYQYVDTLYPGFE
GTEMWNPNRELSEDCLYLNVWTPYPRPTSPTPVLVWIYGGGFYSGASSLDVYDGRFLVQAERTVLVSMNYRVGAFGFLAL
PGSREAPGNVGLLDQRLALQWVQENVAAFGGDPTSVTLFGESAGAASVGMHLLSPPSRGLFHRAVLQSGAPNGPWATVGM
GEARRRATQLAHLVGCPPGGTGGNDTELVACLRTRPAQVLVNHEWHVLPQESVFRFSFVPVVDGDFLSDTPEALINAGDF
HGLQVLVGVVKDEGSYFLVYGAPGFSKDNESLISRAEFLAGVRVGVPQVSDLAAEAVVLHYTDWLHPEDPARLREALSDV
VGDHNVVCPVAQLAGRLAAQGARVYAYVFEHRASTLSWPLWMGVPHGYEIEFIFGIPLDPSRNYTAEEKIFAQRLMRYWA
NFARTGDPNEPRDPKAPQWPPYTAGAQQYVSLDLRPLEVRRGLRAQACAFWNRFLPKLLSAT
;
_entity_poly.pdbx_strand_id   A,B
#
loop_
_chem_comp.id
_chem_comp.type
_chem_comp.name
_chem_comp.formula
EDO non-polymer 1,2-ETHANEDIOL 'C2 H6 O2'
FUC L-saccharide, alpha linking alpha-L-fucopyranose 'C6 H12 O5'
NAG D-saccharide, beta linking 2-acetamido-2-deoxy-beta-D-glucopyranose 'C8 H15 N O6'
NO3 non-polymer 'NITRATE ION' 'N O3 -1'
PE8 non-polymer 3,6,9,12,15,18,21-HEPTAOXATRICOSANE-1,23-DIOL 'C16 H34 O9'
#
# COMPACT_ATOMS: atom_id res chain seq x y z
N GLU A 3 -56.09 12.79 38.14
CA GLU A 3 -55.29 13.18 36.97
C GLU A 3 -53.90 13.65 37.42
N ASP A 4 -52.86 13.11 36.78
CA ASP A 4 -51.48 13.45 37.13
C ASP A 4 -51.01 14.66 36.32
N ALA A 5 -50.69 15.75 37.02
CA ALA A 5 -50.39 17.02 36.37
C ALA A 5 -49.02 17.03 35.71
N GLU A 6 -48.15 16.11 36.12
CA GLU A 6 -46.83 16.03 35.55
C GLU A 6 -46.88 15.59 34.08
N LEU A 7 -47.99 14.95 33.73
CA LEU A 7 -48.16 14.36 32.41
C LEU A 7 -49.04 15.23 31.52
N LEU A 8 -49.27 16.46 31.95
CA LEU A 8 -50.03 17.41 31.17
C LEU A 8 -49.11 18.54 30.80
N VAL A 9 -49.02 18.82 29.50
CA VAL A 9 -48.11 19.84 28.97
C VAL A 9 -48.80 20.65 27.87
N THR A 10 -48.54 21.93 27.84
CA THR A 10 -49.03 22.78 26.78
C THR A 10 -47.85 23.19 25.91
N VAL A 11 -47.91 22.89 24.62
CA VAL A 11 -46.88 23.35 23.68
C VAL A 11 -47.56 24.35 22.76
N ARG A 12 -46.81 24.98 21.88
CA ARG A 12 -47.35 26.04 21.04
C ARG A 12 -48.58 25.66 20.26
N GLY A 13 -48.66 24.40 19.84
CA GLY A 13 -49.78 23.97 19.01
C GLY A 13 -51.00 23.50 19.80
N GLY A 14 -50.87 23.41 21.12
CA GLY A 14 -51.96 22.86 21.92
C GLY A 14 -51.50 21.97 23.06
N ARG A 15 -52.44 21.25 23.64
CA ARG A 15 -52.21 20.48 24.87
C ARG A 15 -51.91 19.00 24.62
N LEU A 16 -51.08 18.41 25.48
CA LEU A 16 -50.66 17.01 25.38
C LEU A 16 -50.86 16.22 26.67
N ARG A 17 -51.21 14.95 26.53
N ARG A 17 -51.25 14.96 26.54
CA ARG A 17 -51.25 14.02 27.66
CA ARG A 17 -51.24 14.04 27.69
C ARG A 17 -50.18 12.92 27.49
C ARG A 17 -50.17 12.94 27.50
N GLY A 18 -49.25 12.85 28.44
CA GLY A 18 -48.18 11.88 28.38
C GLY A 18 -48.41 10.67 29.25
N ILE A 19 -47.34 9.96 29.59
CA ILE A 19 -47.46 8.72 30.32
C ILE A 19 -46.23 8.50 31.20
N ARG A 20 -46.46 7.99 32.41
CA ARG A 20 -45.41 7.67 33.37
C ARG A 20 -44.87 6.28 33.08
N LEU A 21 -43.54 6.17 32.94
CA LEU A 21 -42.88 4.90 32.65
C LEU A 21 -42.05 4.45 33.84
N LYS A 22 -41.89 3.14 34.01
CA LYS A 22 -41.03 2.58 35.07
C LYS A 22 -39.62 2.28 34.59
N THR A 23 -38.65 2.40 35.50
CA THR A 23 -37.30 1.87 35.30
C THR A 23 -36.83 1.30 36.64
N PRO A 24 -35.76 0.46 36.63
CA PRO A 24 -35.15 -0.02 37.87
C PRO A 24 -34.61 1.11 38.75
N GLY A 25 -34.41 2.29 38.18
CA GLY A 25 -33.95 3.43 38.96
C GLY A 25 -35.05 4.37 39.44
N GLY A 26 -36.31 4.03 39.13
CA GLY A 26 -37.41 4.94 39.39
C GLY A 26 -38.06 5.47 38.12
N PRO A 27 -39.16 6.24 38.24
CA PRO A 27 -39.98 6.70 37.11
C PRO A 27 -39.41 7.81 36.22
N VAL A 28 -40.05 7.93 35.06
CA VAL A 28 -39.67 8.87 34.04
C VAL A 28 -40.99 9.31 33.40
N SER A 29 -41.04 10.52 32.88
CA SER A 29 -42.23 11.00 32.17
C SER A 29 -41.96 10.89 30.67
N ALA A 30 -42.96 10.48 29.89
CA ALA A 30 -42.76 10.31 28.46
C ALA A 30 -43.92 10.89 27.68
N PHE A 31 -43.61 11.52 26.56
CA PHE A 31 -44.62 12.09 25.66
C PHE A 31 -44.32 11.57 24.28
N LEU A 32 -45.10 10.58 23.84
CA LEU A 32 -44.76 9.83 22.64
C LEU A 32 -45.79 10.08 21.57
N GLY A 33 -45.34 10.24 20.33
CA GLY A 33 -46.26 10.48 19.21
C GLY A 33 -46.81 11.89 19.06
N ILE A 34 -46.00 12.90 19.38
CA ILE A 34 -46.39 14.30 19.19
C ILE A 34 -46.25 14.74 17.72
N PRO A 35 -47.33 15.23 17.11
CA PRO A 35 -47.25 15.70 15.71
C PRO A 35 -46.40 16.97 15.55
N PHE A 36 -45.40 16.95 14.67
CA PHE A 36 -44.59 18.15 14.50
C PHE A 36 -44.74 18.75 13.09
N ALA A 37 -45.32 17.98 12.19
CA ALA A 37 -45.61 18.46 10.83
C ALA A 37 -47.01 18.04 10.40
N GLU A 38 -47.55 18.71 9.37
CA GLU A 38 -48.74 18.20 8.70
C GLU A 38 -48.37 16.89 8.00
N PRO A 39 -49.29 15.91 8.01
CA PRO A 39 -48.98 14.64 7.32
C PRO A 39 -48.61 14.87 5.85
N PRO A 40 -47.44 14.36 5.43
CA PRO A 40 -46.94 14.64 4.08
C PRO A 40 -47.54 13.65 3.08
N MET A 41 -48.85 13.78 2.87
CA MET A 41 -49.66 12.81 2.14
C MET A 41 -50.26 13.41 0.88
N GLY A 42 -50.65 12.53 -0.05
CA GLY A 42 -51.27 12.97 -1.30
C GLY A 42 -50.41 13.92 -2.09
N PRO A 43 -50.89 15.17 -2.29
CA PRO A 43 -50.12 16.18 -3.04
C PRO A 43 -48.84 16.59 -2.32
N ARG A 44 -48.74 16.29 -1.02
CA ARG A 44 -47.55 16.64 -0.22
C ARG A 44 -46.43 15.60 -0.25
N ARG A 45 -46.67 14.43 -0.84
CA ARG A 45 -45.59 13.46 -1.03
C ARG A 45 -44.46 14.10 -1.83
N PHE A 46 -43.23 13.91 -1.35
CA PHE A 46 -41.99 14.47 -1.94
C PHE A 46 -41.75 15.96 -1.61
N LEU A 47 -42.73 16.62 -0.98
CA LEU A 47 -42.61 18.05 -0.66
C LEU A 47 -42.02 18.28 0.73
N PRO A 48 -41.38 19.45 0.94
CA PRO A 48 -40.87 19.83 2.26
C PRO A 48 -41.97 19.79 3.28
N PRO A 49 -41.63 19.54 4.55
CA PRO A 49 -42.67 19.45 5.58
C PRO A 49 -43.23 20.82 5.97
N GLU A 50 -44.51 20.87 6.31
CA GLU A 50 -45.12 22.08 6.83
C GLU A 50 -45.39 21.91 8.31
N PRO A 51 -45.21 22.99 9.09
CA PRO A 51 -45.46 22.94 10.53
C PRO A 51 -46.86 22.41 10.81
N LYS A 52 -46.99 21.66 11.89
CA LYS A 52 -48.28 21.15 12.31
C LYS A 52 -49.17 22.30 12.75
N GLN A 53 -50.37 22.38 12.19
N GLN A 53 -50.36 22.40 12.18
CA GLN A 53 -51.33 23.41 12.56
CA GLN A 53 -51.32 23.43 12.57
C GLN A 53 -51.88 23.17 13.97
C GLN A 53 -51.84 23.17 13.99
N PRO A 54 -52.13 24.25 14.74
CA PRO A 54 -52.70 24.13 16.09
C PRO A 54 -53.99 23.28 16.16
N TRP A 55 -54.11 22.54 17.25
CA TRP A 55 -55.27 21.69 17.48
C TRP A 55 -56.00 22.13 18.76
N SER A 56 -57.26 21.75 18.86
CA SER A 56 -58.00 21.98 20.10
C SER A 56 -58.12 20.64 20.81
N GLY A 57 -58.50 20.65 22.08
CA GLY A 57 -58.55 19.42 22.84
C GLY A 57 -57.16 18.94 23.24
N VAL A 58 -57.06 17.67 23.64
CA VAL A 58 -55.82 17.16 24.17
C VAL A 58 -55.28 16.02 23.32
N VAL A 59 -54.07 16.19 22.77
CA VAL A 59 -53.43 15.12 22.04
C VAL A 59 -52.97 14.00 22.98
N ASP A 60 -53.39 12.78 22.66
CA ASP A 60 -52.93 11.58 23.35
C ASP A 60 -51.47 11.29 22.99
N ALA A 61 -50.55 11.54 23.91
CA ALA A 61 -49.16 11.25 23.63
C ALA A 61 -48.65 10.12 24.51
N THR A 62 -49.36 8.99 24.51
CA THR A 62 -49.04 7.89 25.43
C THR A 62 -48.45 6.68 24.69
N THR A 63 -48.42 6.75 23.37
CA THR A 63 -47.94 5.62 22.57
C THR A 63 -47.15 6.06 21.31
N PHE A 64 -46.20 5.25 20.86
CA PHE A 64 -45.47 5.56 19.63
C PHE A 64 -46.43 5.59 18.45
N GLN A 65 -46.15 6.48 17.52
CA GLN A 65 -46.92 6.57 16.30
C GLN A 65 -46.31 5.71 15.17
N SER A 66 -46.95 5.80 14.01
CA SER A 66 -46.63 4.99 12.86
C SER A 66 -45.18 5.15 12.37
N VAL A 67 -44.65 4.10 11.75
CA VAL A 67 -43.31 4.14 11.16
C VAL A 67 -43.41 4.65 9.72
N CYS A 68 -42.48 5.49 9.30
CA CYS A 68 -42.44 5.99 7.93
C CYS A 68 -42.30 4.82 6.95
N TYR A 69 -43.08 4.86 5.87
CA TYR A 69 -43.03 3.81 4.84
C TYR A 69 -41.61 3.45 4.41
N GLN A 70 -41.27 2.16 4.53
CA GLN A 70 -39.92 1.70 4.20
C GLN A 70 -39.88 0.21 3.88
N TYR A 71 -38.76 -0.21 3.30
CA TYR A 71 -38.47 -1.61 3.00
C TYR A 71 -38.33 -2.40 4.30
N VAL A 72 -38.82 -3.63 4.29
CA VAL A 72 -38.76 -4.52 5.45
C VAL A 72 -37.84 -5.72 5.15
N ASP A 73 -36.82 -5.89 5.96
CA ASP A 73 -35.80 -6.91 5.74
C ASP A 73 -36.34 -8.32 5.87
N THR A 74 -36.08 -9.17 4.88
CA THR A 74 -36.52 -10.56 4.90
C THR A 74 -35.38 -11.58 4.67
N LEU A 75 -34.13 -11.15 4.81
CA LEU A 75 -32.99 -12.06 4.63
C LEU A 75 -33.03 -13.23 5.60
N TYR A 76 -33.41 -12.98 6.85
CA TYR A 76 -33.46 -14.02 7.88
C TYR A 76 -34.73 -13.91 8.73
N PRO A 77 -35.89 -14.31 8.19
CA PRO A 77 -37.17 -14.15 8.88
C PRO A 77 -37.18 -14.69 10.31
N GLY A 78 -37.70 -13.90 11.24
CA GLY A 78 -37.79 -14.32 12.64
C GLY A 78 -36.51 -14.17 13.46
N PHE A 79 -35.39 -13.89 12.79
CA PHE A 79 -34.09 -13.80 13.45
C PHE A 79 -33.97 -12.46 14.20
N GLU A 80 -33.57 -12.53 15.46
CA GLU A 80 -33.43 -11.34 16.30
C GLU A 80 -32.49 -10.26 15.71
N GLY A 81 -31.33 -10.68 15.21
CA GLY A 81 -30.33 -9.76 14.70
C GLY A 81 -30.81 -8.86 13.59
N THR A 82 -31.78 -9.31 12.80
CA THR A 82 -32.38 -8.45 11.79
C THR A 82 -33.72 -7.83 12.23
N GLU A 83 -34.52 -8.56 13.01
CA GLU A 83 -35.85 -8.08 13.37
C GLU A 83 -35.83 -6.87 14.31
N MET A 84 -34.80 -6.79 15.17
CA MET A 84 -34.64 -5.65 16.06
C MET A 84 -34.52 -4.31 15.31
N TRP A 85 -34.24 -4.35 14.01
CA TRP A 85 -34.11 -3.14 13.18
C TRP A 85 -35.36 -2.86 12.34
N ASN A 86 -36.24 -3.86 12.25
CA ASN A 86 -37.45 -3.76 11.44
C ASN A 86 -38.55 -2.95 12.15
N PRO A 87 -39.50 -2.40 11.37
CA PRO A 87 -40.60 -1.61 11.94
C PRO A 87 -41.35 -2.38 13.01
N ASN A 88 -41.66 -1.72 14.12
CA ASN A 88 -42.39 -2.36 15.21
C ASN A 88 -43.73 -1.65 15.47
N ARG A 89 -44.15 -0.82 14.51
CA ARG A 89 -45.52 -0.28 14.45
C ARG A 89 -45.93 -0.30 13.01
N GLU A 90 -47.17 0.05 12.71
CA GLU A 90 -47.66 -0.02 11.35
C GLU A 90 -46.99 1.04 10.47
N LEU A 91 -46.88 0.74 9.18
CA LEU A 91 -46.29 1.67 8.22
C LEU A 91 -47.33 2.70 7.79
N SER A 92 -46.92 3.96 7.69
CA SER A 92 -47.80 4.99 7.14
C SER A 92 -46.98 6.16 6.59
N GLU A 93 -47.51 6.90 5.62
CA GLU A 93 -46.86 8.15 5.22
C GLU A 93 -47.17 9.25 6.23
N ASP A 94 -48.18 9.02 7.05
CA ASP A 94 -48.52 9.92 8.14
C ASP A 94 -47.65 9.45 9.31
N CYS A 95 -46.42 9.97 9.37
CA CYS A 95 -45.42 9.41 10.29
C CYS A 95 -44.55 10.47 10.94
N LEU A 96 -44.86 11.73 10.68
CA LEU A 96 -44.01 12.80 11.20
C LEU A 96 -44.38 13.18 12.64
N TYR A 97 -43.90 12.37 13.58
CA TYR A 97 -44.13 12.57 15.00
C TYR A 97 -42.81 12.52 15.76
N LEU A 98 -42.73 13.14 16.93
CA LEU A 98 -41.51 13.05 17.75
C LEU A 98 -41.81 12.65 19.20
N ASN A 99 -40.78 12.27 19.95
CA ASN A 99 -40.98 11.84 21.33
C ASN A 99 -40.09 12.61 22.30
N VAL A 100 -40.60 12.89 23.51
CA VAL A 100 -39.83 13.55 24.58
C VAL A 100 -39.86 12.71 25.88
N TRP A 101 -38.68 12.40 26.42
CA TRP A 101 -38.58 11.74 27.71
C TRP A 101 -37.98 12.75 28.68
N THR A 102 -38.53 12.82 29.90
CA THR A 102 -38.06 13.78 30.89
C THR A 102 -38.03 13.10 32.27
N PRO A 103 -37.20 13.61 33.21
CA PRO A 103 -37.22 13.05 34.57
C PRO A 103 -38.59 13.22 35.24
N TYR A 104 -38.86 12.45 36.30
CA TYR A 104 -40.10 12.54 37.07
C TYR A 104 -39.80 12.86 38.54
N PRO A 105 -40.45 13.90 39.08
CA PRO A 105 -41.39 14.78 38.38
C PRO A 105 -40.64 15.63 37.36
N ARG A 106 -41.35 16.30 36.45
CA ARG A 106 -40.71 17.17 35.45
C ARG A 106 -39.67 18.07 36.09
N PRO A 107 -38.51 18.25 35.42
CA PRO A 107 -37.51 19.18 35.95
C PRO A 107 -38.08 20.58 36.04
N THR A 108 -37.67 21.36 37.05
CA THR A 108 -38.18 22.72 37.18
C THR A 108 -37.15 23.77 36.78
N SER A 109 -35.94 23.32 36.42
CA SER A 109 -34.92 24.22 35.89
C SER A 109 -34.31 23.65 34.59
N PRO A 110 -33.71 24.51 33.74
CA PRO A 110 -33.15 24.08 32.46
C PRO A 110 -32.28 22.81 32.52
N THR A 111 -32.77 21.76 31.86
CA THR A 111 -32.08 20.48 31.76
C THR A 111 -31.48 20.33 30.35
N PRO A 112 -30.21 19.89 30.26
CA PRO A 112 -29.56 19.69 28.96
C PRO A 112 -30.31 18.69 28.06
N VAL A 113 -30.34 18.95 26.76
CA VAL A 113 -31.14 18.15 25.83
C VAL A 113 -30.28 17.31 24.89
N LEU A 114 -30.58 16.01 24.83
CA LEU A 114 -30.00 15.10 23.82
C LEU A 114 -31.04 14.84 22.75
N VAL A 115 -30.65 14.97 21.48
CA VAL A 115 -31.59 14.66 20.40
C VAL A 115 -31.05 13.54 19.53
N TRP A 116 -31.82 12.45 19.46
CA TRP A 116 -31.40 11.24 18.74
C TRP A 116 -31.94 11.21 17.31
N ILE A 117 -31.04 10.99 16.34
CA ILE A 117 -31.45 10.74 14.95
C ILE A 117 -31.07 9.32 14.54
N TYR A 118 -32.05 8.47 14.24
CA TYR A 118 -31.76 7.05 13.93
C TYR A 118 -31.05 6.85 12.57
N GLY A 119 -30.31 5.75 12.43
CA GLY A 119 -29.74 5.36 11.15
C GLY A 119 -30.61 4.30 10.46
N GLY A 120 -30.08 3.67 9.42
CA GLY A 120 -30.85 2.77 8.58
C GLY A 120 -30.61 3.10 7.10
N GLY A 121 -29.43 3.61 6.78
CA GLY A 121 -29.05 3.90 5.38
C GLY A 121 -29.94 4.87 4.61
N PHE A 122 -30.65 5.73 5.33
CA PHE A 122 -31.65 6.63 4.74
C PHE A 122 -32.82 5.91 4.05
N TYR A 123 -32.92 4.58 4.19
CA TYR A 123 -34.03 3.84 3.58
C TYR A 123 -34.93 3.17 4.66
N SER A 124 -34.52 3.25 5.92
CA SER A 124 -35.22 2.54 6.97
C SER A 124 -34.98 3.20 8.34
N GLY A 125 -35.61 2.67 9.38
CA GLY A 125 -35.41 3.13 10.75
C GLY A 125 -36.70 3.72 11.34
N ALA A 126 -36.71 3.87 12.66
CA ALA A 126 -37.86 4.42 13.40
C ALA A 126 -37.40 4.85 14.77
N SER A 127 -38.05 5.87 15.33
CA SER A 127 -37.72 6.33 16.69
C SER A 127 -38.32 5.40 17.75
N SER A 128 -39.22 4.53 17.33
CA SER A 128 -39.95 3.64 18.26
C SER A 128 -39.27 2.31 18.52
N LEU A 129 -38.13 2.04 17.86
CA LEU A 129 -37.42 0.79 18.05
C LEU A 129 -37.02 0.61 19.52
N ASP A 130 -37.14 -0.61 20.03
CA ASP A 130 -36.85 -0.87 21.44
C ASP A 130 -35.44 -0.46 21.82
N VAL A 131 -34.52 -0.55 20.87
CA VAL A 131 -33.13 -0.24 21.18
C VAL A 131 -32.89 1.27 21.35
N TYR A 132 -33.85 2.10 20.92
CA TYR A 132 -33.74 3.56 21.10
C TYR A 132 -34.58 4.10 22.28
N ASP A 133 -34.95 3.23 23.22
CA ASP A 133 -35.82 3.62 24.35
C ASP A 133 -35.09 4.58 25.29
N GLY A 134 -35.59 5.81 25.42
CA GLY A 134 -34.90 6.84 26.19
C GLY A 134 -35.01 6.79 27.72
N ARG A 135 -35.80 5.86 28.24
CA ARG A 135 -36.13 5.89 29.67
C ARG A 135 -34.91 5.74 30.57
N PHE A 136 -33.92 4.92 30.18
CA PHE A 136 -32.76 4.67 31.04
C PHE A 136 -31.77 5.84 31.10
N LEU A 137 -31.56 6.53 29.98
CA LEU A 137 -30.64 7.67 29.94
C LEU A 137 -31.22 8.80 30.75
N VAL A 138 -32.50 9.04 30.55
CA VAL A 138 -33.15 10.14 31.24
C VAL A 138 -33.13 9.93 32.76
N GLN A 139 -33.43 8.73 33.24
CA GLN A 139 -33.44 8.48 34.68
C GLN A 139 -32.04 8.61 35.29
N ALA A 140 -31.07 7.96 34.67
CA ALA A 140 -29.72 7.85 35.22
C ALA A 140 -28.90 9.13 35.15
N GLU A 141 -29.13 9.94 34.11
CA GLU A 141 -28.25 11.07 33.85
C GLU A 141 -28.99 12.39 33.84
N ARG A 142 -30.30 12.32 34.01
CA ARG A 142 -31.15 13.49 34.22
C ARG A 142 -31.04 14.52 33.10
N THR A 143 -31.12 14.03 31.88
CA THR A 143 -31.24 14.87 30.70
C THR A 143 -32.69 14.85 30.19
N VAL A 144 -33.01 15.76 29.28
CA VAL A 144 -34.20 15.58 28.47
C VAL A 144 -33.72 14.93 27.16
N LEU A 145 -34.50 13.97 26.67
CA LEU A 145 -34.16 13.25 25.44
C LEU A 145 -35.31 13.33 24.45
N VAL A 146 -34.99 13.73 23.22
CA VAL A 146 -35.97 13.84 22.14
C VAL A 146 -35.53 12.96 20.97
N SER A 147 -36.48 12.29 20.31
CA SER A 147 -36.16 11.61 19.06
C SER A 147 -37.30 11.83 18.08
N MET A 148 -37.02 11.88 16.78
CA MET A 148 -38.06 12.09 15.79
C MET A 148 -38.04 11.04 14.68
N ASN A 149 -39.21 10.84 14.07
CA ASN A 149 -39.26 10.13 12.79
C ASN A 149 -39.01 11.12 11.66
N TYR A 150 -38.30 10.68 10.61
CA TYR A 150 -38.17 11.46 9.41
C TYR A 150 -38.36 10.55 8.19
N ARG A 151 -38.84 11.11 7.10
CA ARG A 151 -39.11 10.32 5.90
C ARG A 151 -37.84 9.66 5.33
N VAL A 152 -37.96 8.40 4.93
CA VAL A 152 -36.83 7.65 4.36
C VAL A 152 -37.16 7.16 2.93
N GLY A 153 -36.18 6.53 2.28
CA GLY A 153 -36.37 6.04 0.91
C GLY A 153 -36.77 7.13 -0.06
N ALA A 154 -37.53 6.76 -1.09
CA ALA A 154 -38.00 7.74 -2.06
C ALA A 154 -38.81 8.87 -1.42
N PHE A 155 -39.63 8.54 -0.41
CA PHE A 155 -40.49 9.52 0.25
C PHE A 155 -39.69 10.69 0.85
N GLY A 156 -38.50 10.40 1.39
CA GLY A 156 -37.65 11.43 1.96
C GLY A 156 -36.56 11.97 1.05
N PHE A 157 -36.14 11.19 0.06
CA PHE A 157 -34.91 11.51 -0.69
C PHE A 157 -34.92 11.42 -2.22
N LEU A 158 -36.06 11.07 -2.80
CA LEU A 158 -36.17 11.13 -4.26
C LEU A 158 -36.00 12.58 -4.71
N ALA A 159 -35.21 12.78 -5.76
CA ALA A 159 -34.91 14.14 -6.19
C ALA A 159 -34.87 14.23 -7.71
N LEU A 160 -35.64 15.16 -8.25
CA LEU A 160 -35.44 15.63 -9.61
C LEU A 160 -34.92 17.07 -9.48
N PRO A 161 -33.59 17.22 -9.41
CA PRO A 161 -32.96 18.52 -9.10
C PRO A 161 -33.40 19.62 -10.05
N GLY A 162 -33.68 20.79 -9.50
CA GLY A 162 -34.29 21.85 -10.28
C GLY A 162 -35.79 21.96 -10.06
N SER A 163 -36.47 20.83 -9.90
CA SER A 163 -37.94 20.83 -9.80
C SER A 163 -38.44 21.26 -8.44
N ARG A 164 -39.67 21.74 -8.42
CA ARG A 164 -40.29 22.16 -7.19
C ARG A 164 -41.14 20.99 -6.65
N GLU A 165 -41.60 20.13 -7.55
CA GLU A 165 -42.43 18.98 -7.17
C GLU A 165 -41.65 17.86 -6.46
N ALA A 166 -40.33 17.80 -6.66
CA ALA A 166 -39.50 16.85 -5.92
C ALA A 166 -38.04 17.35 -5.78
N PRO A 167 -37.81 18.28 -4.86
CA PRO A 167 -36.50 18.95 -4.76
C PRO A 167 -35.39 18.10 -4.13
N GLY A 168 -35.72 17.06 -3.37
CA GLY A 168 -34.72 16.30 -2.66
C GLY A 168 -34.48 16.78 -1.23
N ASN A 169 -33.86 15.92 -0.41
CA ASN A 169 -33.49 16.24 0.96
C ASN A 169 -34.65 16.58 1.92
N VAL A 170 -35.87 16.19 1.59
CA VAL A 170 -36.99 16.54 2.48
C VAL A 170 -36.95 15.82 3.84
N GLY A 171 -36.41 14.61 3.87
CA GLY A 171 -36.22 13.88 5.12
C GLY A 171 -35.24 14.61 6.04
N LEU A 172 -34.24 15.25 5.45
CA LEU A 172 -33.33 16.13 6.20
C LEU A 172 -34.07 17.36 6.75
N LEU A 173 -34.96 17.91 5.94
CA LEU A 173 -35.79 19.02 6.37
C LEU A 173 -36.79 18.56 7.45
N ASP A 174 -37.22 17.31 7.41
CA ASP A 174 -38.07 16.78 8.50
C ASP A 174 -37.30 16.86 9.82
N GLN A 175 -36.02 16.51 9.78
CA GLN A 175 -35.19 16.58 10.99
C GLN A 175 -35.00 18.03 11.48
N ARG A 176 -34.74 18.95 10.54
CA ARG A 176 -34.55 20.37 10.86
C ARG A 176 -35.79 20.95 11.52
N LEU A 177 -36.94 20.65 10.94
CA LEU A 177 -38.22 21.08 11.50
C LEU A 177 -38.37 20.55 12.93
N ALA A 178 -37.97 19.31 13.18
CA ALA A 178 -38.03 18.79 14.55
C ALA A 178 -37.06 19.55 15.48
N LEU A 179 -35.89 19.91 14.96
CA LEU A 179 -34.94 20.71 15.75
C LEU A 179 -35.49 22.14 16.04
N GLN A 180 -36.21 22.70 15.06
CA GLN A 180 -36.90 23.98 15.28
C GLN A 180 -38.00 23.81 16.35
N TRP A 181 -38.72 22.68 16.30
CA TRP A 181 -39.79 22.38 17.28
C TRP A 181 -39.18 22.31 18.68
N VAL A 182 -37.96 21.78 18.78
CA VAL A 182 -37.28 21.68 20.06
C VAL A 182 -36.92 23.07 20.62
N GLN A 183 -36.32 23.92 19.78
CA GLN A 183 -36.05 25.31 20.15
C GLN A 183 -37.29 25.99 20.75
N GLU A 184 -38.43 25.79 20.11
CA GLU A 184 -39.68 26.47 20.52
C GLU A 184 -40.45 25.84 21.66
N ASN A 185 -40.27 24.55 21.92
CA ASN A 185 -41.17 23.85 22.82
C ASN A 185 -40.53 23.05 23.97
N VAL A 186 -39.24 22.80 23.89
CA VAL A 186 -38.60 21.90 24.86
C VAL A 186 -38.61 22.47 26.29
N ALA A 187 -38.56 23.80 26.43
CA ALA A 187 -38.61 24.43 27.77
C ALA A 187 -39.87 24.05 28.55
N ALA A 188 -40.98 23.84 27.85
CA ALA A 188 -42.22 23.39 28.49
C ALA A 188 -42.09 22.02 29.18
N PHE A 189 -41.00 21.31 28.88
CA PHE A 189 -40.75 19.99 29.47
C PHE A 189 -39.62 20.09 30.50
N GLY A 190 -39.03 21.27 30.64
CA GLY A 190 -37.89 21.45 31.53
C GLY A 190 -36.55 21.38 30.83
N GLY A 191 -36.58 21.33 29.50
CA GLY A 191 -35.35 21.24 28.75
C GLY A 191 -34.78 22.62 28.49
N ASP A 192 -33.46 22.70 28.34
CA ASP A 192 -32.77 23.96 28.04
C ASP A 192 -32.46 24.05 26.54
N PRO A 193 -33.18 24.91 25.82
CA PRO A 193 -32.95 25.14 24.37
C PRO A 193 -31.56 25.69 24.03
N THR A 194 -30.81 26.18 25.02
CA THR A 194 -29.45 26.66 24.78
C THR A 194 -28.38 25.56 24.92
N SER A 195 -28.81 24.35 25.29
CA SER A 195 -27.89 23.23 25.44
C SER A 195 -28.49 21.97 24.81
N VAL A 196 -28.37 21.88 23.48
CA VAL A 196 -28.93 20.78 22.72
C VAL A 196 -27.81 19.99 22.04
N THR A 197 -27.66 18.72 22.39
CA THR A 197 -26.63 17.88 21.81
C THR A 197 -27.26 16.89 20.83
N LEU A 198 -26.80 16.89 19.58
CA LEU A 198 -27.27 15.93 18.58
C LEU A 198 -26.40 14.68 18.64
N PHE A 199 -27.04 13.52 18.61
CA PHE A 199 -26.34 12.25 18.45
C PHE A 199 -27.10 11.31 17.53
N GLY A 200 -26.36 10.56 16.72
CA GLY A 200 -26.94 9.63 15.77
C GLY A 200 -25.96 8.54 15.38
N GLU A 201 -26.47 7.47 14.78
CA GLU A 201 -25.62 6.36 14.41
C GLU A 201 -25.82 6.06 12.94
N SER A 202 -24.73 5.73 12.24
CA SER A 202 -24.80 5.38 10.82
C SER A 202 -25.38 6.53 9.97
N ALA A 203 -26.45 6.29 9.24
CA ALA A 203 -27.12 7.39 8.50
C ALA A 203 -27.56 8.54 9.44
N GLY A 204 -27.85 8.20 10.70
CA GLY A 204 -28.14 9.19 11.73
C GLY A 204 -26.92 10.07 12.02
N ALA A 205 -25.75 9.45 12.06
CA ALA A 205 -24.49 10.19 12.23
C ALA A 205 -24.20 11.04 10.97
N ALA A 206 -24.42 10.48 9.79
CA ALA A 206 -24.21 11.25 8.56
C ALA A 206 -25.16 12.43 8.56
N SER A 207 -26.38 12.20 9.06
CA SER A 207 -27.37 13.26 9.20
C SER A 207 -26.86 14.37 10.13
N VAL A 208 -26.35 13.99 11.29
CA VAL A 208 -25.80 14.96 12.24
C VAL A 208 -24.72 15.82 11.56
N GLY A 209 -23.83 15.16 10.84
CA GLY A 209 -22.77 15.87 10.14
C GLY A 209 -23.29 16.83 9.11
N MET A 210 -24.36 16.45 8.41
CA MET A 210 -24.97 17.36 7.45
C MET A 210 -25.57 18.61 8.08
N HIS A 211 -26.22 18.46 9.23
CA HIS A 211 -26.70 19.64 9.97
C HIS A 211 -25.52 20.55 10.42
N LEU A 212 -24.37 19.95 10.69
CA LEU A 212 -23.17 20.71 11.01
C LEU A 212 -22.75 21.62 9.87
N LEU A 213 -22.92 21.12 8.64
CA LEU A 213 -22.38 21.79 7.46
C LEU A 213 -23.44 22.61 6.74
N SER A 214 -24.62 22.71 7.33
CA SER A 214 -25.70 23.48 6.71
C SER A 214 -26.15 24.61 7.63
N PRO A 215 -25.82 25.87 7.28
CA PRO A 215 -26.04 27.03 8.17
C PRO A 215 -27.44 27.20 8.77
N PRO A 216 -28.54 26.98 8.01
CA PRO A 216 -29.83 27.08 8.71
C PRO A 216 -30.00 26.06 9.85
N SER A 217 -29.28 24.93 9.83
CA SER A 217 -29.39 23.95 10.91
C SER A 217 -28.47 24.27 12.09
N ARG A 218 -27.39 24.97 11.82
CA ARG A 218 -26.30 25.14 12.76
C ARG A 218 -26.71 26.01 13.97
N GLY A 219 -27.70 26.86 13.79
CA GLY A 219 -28.21 27.62 14.93
C GLY A 219 -29.11 26.83 15.86
N LEU A 220 -29.41 25.58 15.52
CA LEU A 220 -30.42 24.82 16.25
C LEU A 220 -29.85 23.82 17.27
N PHE A 221 -28.53 23.78 17.41
CA PHE A 221 -27.90 22.85 18.35
C PHE A 221 -26.49 23.33 18.70
N HIS A 222 -25.87 22.68 19.67
CA HIS A 222 -24.64 23.19 20.25
C HIS A 222 -23.46 22.20 20.21
N ARG A 223 -23.73 20.91 20.36
CA ARG A 223 -22.65 19.91 20.27
C ARG A 223 -23.11 18.74 19.41
N ALA A 224 -22.19 17.85 19.04
CA ALA A 224 -22.50 16.79 18.09
C ALA A 224 -21.82 15.48 18.44
N VAL A 225 -22.54 14.36 18.26
CA VAL A 225 -21.97 13.03 18.43
C VAL A 225 -22.22 12.21 17.17
N LEU A 226 -21.16 11.68 16.55
CA LEU A 226 -21.31 10.89 15.32
C LEU A 226 -20.82 9.46 15.53
N GLN A 227 -21.75 8.51 15.66
CA GLN A 227 -21.42 7.10 15.89
C GLN A 227 -21.45 6.30 14.57
N SER A 228 -20.30 5.75 14.16
CA SER A 228 -20.21 4.88 12.98
C SER A 228 -20.80 5.47 11.70
N GLY A 229 -20.51 6.73 11.42
CA GLY A 229 -21.03 7.34 10.21
C GLY A 229 -20.58 8.78 10.08
N ALA A 230 -20.64 9.30 8.85
CA ALA A 230 -20.09 10.62 8.53
C ALA A 230 -20.72 11.14 7.24
N PRO A 231 -20.85 12.47 7.13
CA PRO A 231 -21.56 13.00 5.95
C PRO A 231 -20.74 12.82 4.66
N ASN A 232 -19.42 12.63 4.81
CA ASN A 232 -18.51 12.43 3.67
C ASN A 232 -18.36 10.96 3.32
N GLY A 233 -19.11 10.08 3.98
CA GLY A 233 -19.12 8.68 3.56
C GLY A 233 -19.57 8.53 2.11
N PRO A 234 -18.93 7.62 1.34
CA PRO A 234 -19.25 7.49 -0.10
C PRO A 234 -20.67 7.01 -0.39
N TRP A 235 -21.41 6.57 0.63
CA TRP A 235 -22.81 6.14 0.46
C TRP A 235 -23.82 7.21 0.87
N ALA A 236 -23.34 8.27 1.51
CA ALA A 236 -24.20 9.18 2.25
C ALA A 236 -24.77 10.32 1.40
N THR A 237 -24.16 10.57 0.23
CA THR A 237 -24.70 11.56 -0.69
C THR A 237 -24.65 11.08 -2.12
N VAL A 238 -25.36 11.79 -2.97
CA VAL A 238 -25.41 11.45 -4.38
C VAL A 238 -25.38 12.77 -5.17
N GLY A 239 -24.77 12.74 -6.36
CA GLY A 239 -24.75 13.92 -7.22
C GLY A 239 -26.08 14.13 -7.92
N MET A 240 -26.29 15.35 -8.45
CA MET A 240 -27.54 15.72 -9.10
C MET A 240 -27.90 14.81 -10.28
N GLY A 241 -26.92 14.54 -11.15
CA GLY A 241 -27.11 13.66 -12.29
C GLY A 241 -27.55 12.26 -11.94
N GLU A 242 -26.86 11.63 -11.00
CA GLU A 242 -27.23 10.29 -10.58
C GLU A 242 -28.59 10.28 -9.83
N ALA A 243 -28.89 11.34 -9.08
CA ALA A 243 -30.20 11.40 -8.40
C ALA A 243 -31.32 11.41 -9.45
N ARG A 244 -31.17 12.23 -10.48
CA ARG A 244 -32.16 12.33 -11.55
C ARG A 244 -32.32 10.99 -12.26
N ARG A 245 -31.21 10.30 -12.50
CA ARG A 245 -31.28 9.02 -13.17
C ARG A 245 -32.07 7.99 -12.38
N ARG A 246 -31.82 7.92 -11.08
CA ARG A 246 -32.47 6.95 -10.22
C ARG A 246 -33.96 7.21 -10.07
N ALA A 247 -34.32 8.48 -9.90
CA ALA A 247 -35.73 8.88 -9.81
C ALA A 247 -36.45 8.50 -11.10
N THR A 248 -35.78 8.76 -12.22
CA THR A 248 -36.36 8.53 -13.54
C THR A 248 -36.54 7.04 -13.80
N GLN A 249 -35.60 6.22 -13.35
N GLN A 249 -35.60 6.22 -13.34
CA GLN A 249 -35.74 4.77 -13.46
CA GLN A 249 -35.71 4.76 -13.45
C GLN A 249 -36.85 4.24 -12.55
C GLN A 249 -36.79 4.18 -12.52
N LEU A 250 -37.01 4.83 -11.38
CA LEU A 250 -38.06 4.40 -10.48
C LEU A 250 -39.40 4.62 -11.17
N ALA A 251 -39.58 5.79 -11.78
CA ALA A 251 -40.83 6.10 -12.49
C ALA A 251 -41.10 5.04 -13.54
N HIS A 252 -40.09 4.76 -14.38
CA HIS A 252 -40.24 3.77 -15.43
C HIS A 252 -40.64 2.39 -14.91
N LEU A 253 -40.03 1.95 -13.81
CA LEU A 253 -40.29 0.63 -13.23
C LEU A 253 -41.71 0.46 -12.65
N VAL A 254 -42.33 1.57 -12.25
CA VAL A 254 -43.69 1.53 -11.69
C VAL A 254 -44.76 2.06 -12.67
N GLY A 255 -44.33 2.27 -13.93
CA GLY A 255 -45.24 2.55 -15.02
C GLY A 255 -45.59 4.00 -15.31
N CYS A 256 -44.73 4.92 -14.87
CA CYS A 256 -44.92 6.35 -15.11
C CYS A 256 -43.95 6.83 -16.17
N PRO A 257 -44.33 7.86 -16.94
CA PRO A 257 -43.51 8.42 -18.01
C PRO A 257 -42.13 8.94 -17.56
N ASN A 264 -40.82 15.68 -18.79
CA ASN A 264 -41.47 16.68 -17.95
C ASN A 264 -41.55 16.24 -16.48
N ASP A 265 -40.73 16.87 -15.64
CA ASP A 265 -40.69 16.58 -14.20
C ASP A 265 -42.07 16.59 -13.55
N THR A 266 -42.87 17.61 -13.88
CA THR A 266 -44.19 17.79 -13.28
C THR A 266 -45.14 16.61 -13.54
N GLU A 267 -45.18 16.15 -14.78
CA GLU A 267 -45.97 14.98 -15.14
C GLU A 267 -45.40 13.71 -14.51
N LEU A 268 -44.08 13.66 -14.38
CA LEU A 268 -43.45 12.49 -13.79
C LEU A 268 -43.84 12.35 -12.30
N VAL A 269 -43.64 13.42 -11.54
CA VAL A 269 -43.97 13.40 -10.11
C VAL A 269 -45.47 13.18 -9.90
N ALA A 270 -46.31 13.79 -10.73
CA ALA A 270 -47.75 13.62 -10.56
C ALA A 270 -48.14 12.14 -10.67
N CYS A 271 -47.56 11.44 -11.64
CA CYS A 271 -47.81 10.01 -11.79
C CYS A 271 -47.28 9.22 -10.60
N LEU A 272 -46.07 9.54 -10.14
CA LEU A 272 -45.54 8.91 -8.92
C LEU A 272 -46.48 9.11 -7.71
N ARG A 273 -47.10 10.29 -7.62
CA ARG A 273 -48.00 10.59 -6.51
C ARG A 273 -49.30 9.76 -6.52
N THR A 274 -49.64 9.17 -7.66
CA THR A 274 -50.85 8.35 -7.75
C THR A 274 -50.59 6.91 -7.31
N ARG A 275 -49.32 6.54 -7.13
CA ARG A 275 -48.94 5.17 -6.80
C ARG A 275 -48.98 4.91 -5.29
N PRO A 276 -49.52 3.74 -4.89
CA PRO A 276 -49.45 3.32 -3.47
C PRO A 276 -48.00 3.32 -2.97
N ALA A 277 -47.80 3.74 -1.72
CA ALA A 277 -46.47 3.80 -1.11
C ALA A 277 -45.70 2.48 -1.27
N GLN A 278 -46.36 1.37 -0.92
CA GLN A 278 -45.75 0.05 -1.02
C GLN A 278 -45.17 -0.27 -2.42
N VAL A 279 -45.79 0.27 -3.47
CA VAL A 279 -45.32 0.00 -4.82
C VAL A 279 -43.97 0.69 -5.08
N LEU A 280 -43.82 1.93 -4.61
CA LEU A 280 -42.53 2.60 -4.69
C LEU A 280 -41.47 1.77 -3.97
N VAL A 281 -41.79 1.33 -2.77
CA VAL A 281 -40.90 0.49 -1.98
C VAL A 281 -40.49 -0.80 -2.71
N ASN A 282 -41.44 -1.46 -3.38
CA ASN A 282 -41.15 -2.72 -4.07
C ASN A 282 -40.09 -2.65 -5.17
N HIS A 283 -39.85 -1.46 -5.73
CA HIS A 283 -38.86 -1.29 -6.79
C HIS A 283 -37.59 -0.51 -6.39
N GLU A 284 -37.55 -0.08 -5.12
CA GLU A 284 -36.48 0.79 -4.62
C GLU A 284 -35.06 0.32 -4.94
N TRP A 285 -34.77 -0.94 -4.67
CA TRP A 285 -33.41 -1.45 -4.75
C TRP A 285 -32.94 -1.57 -6.20
N HIS A 286 -33.89 -1.64 -7.13
CA HIS A 286 -33.57 -1.89 -8.52
C HIS A 286 -33.04 -0.70 -9.28
N VAL A 287 -33.07 0.49 -8.69
CA VAL A 287 -32.52 1.65 -9.39
C VAL A 287 -31.01 1.84 -9.14
N LEU A 288 -30.42 0.97 -8.33
CA LEU A 288 -28.97 1.04 -8.10
C LEU A 288 -28.23 0.65 -9.40
N PRO A 289 -27.15 1.38 -9.72
CA PRO A 289 -26.42 1.09 -10.96
C PRO A 289 -25.66 -0.24 -10.99
N GLN A 290 -25.42 -0.88 -9.85
CA GLN A 290 -24.78 -2.21 -9.87
C GLN A 290 -25.05 -3.00 -8.59
N GLU A 291 -24.76 -4.30 -8.64
CA GLU A 291 -24.78 -5.17 -7.48
C GLU A 291 -23.77 -4.62 -6.45
N SER A 292 -24.21 -4.43 -5.21
CA SER A 292 -23.36 -3.81 -4.20
C SER A 292 -23.74 -4.19 -2.76
N VAL A 293 -22.87 -3.86 -1.82
CA VAL A 293 -23.29 -3.77 -0.43
C VAL A 293 -22.95 -2.37 0.07
N PHE A 294 -23.66 -1.94 1.11
CA PHE A 294 -23.47 -0.62 1.72
C PHE A 294 -23.74 0.52 0.73
N ARG A 295 -24.76 0.34 -0.10
CA ARG A 295 -25.22 1.38 -1.02
C ARG A 295 -26.75 1.46 -1.00
N PHE A 296 -27.30 2.66 -1.01
CA PHE A 296 -28.74 2.83 -0.84
C PHE A 296 -29.25 3.79 -1.90
N SER A 297 -30.43 3.50 -2.44
CA SER A 297 -30.94 4.23 -3.60
C SER A 297 -31.20 5.73 -3.40
N PHE A 298 -31.96 6.07 -2.37
CA PHE A 298 -32.40 7.45 -2.19
C PHE A 298 -31.78 8.08 -0.96
N VAL A 299 -30.76 8.91 -1.21
CA VAL A 299 -29.95 9.53 -0.16
C VAL A 299 -29.88 11.05 -0.38
N PRO A 300 -29.34 11.79 0.61
CA PRO A 300 -29.17 13.25 0.38
C PRO A 300 -28.45 13.61 -0.93
N VAL A 301 -28.94 14.65 -1.61
CA VAL A 301 -28.37 15.08 -2.87
C VAL A 301 -27.64 16.42 -2.70
N VAL A 302 -26.46 16.54 -3.32
CA VAL A 302 -25.69 17.79 -3.31
C VAL A 302 -26.15 18.67 -4.46
N ASP A 303 -26.88 19.73 -4.17
CA ASP A 303 -27.43 20.52 -5.27
C ASP A 303 -27.35 22.02 -5.04
N GLY A 304 -26.55 22.45 -4.10
CA GLY A 304 -26.37 23.87 -3.84
C GLY A 304 -27.21 24.45 -2.73
N ASP A 305 -28.29 23.76 -2.36
CA ASP A 305 -29.26 24.29 -1.39
C ASP A 305 -28.94 23.83 0.05
N PHE A 306 -29.46 22.70 0.52
CA PHE A 306 -29.11 22.18 1.86
C PHE A 306 -27.59 22.05 2.02
N LEU A 307 -26.94 21.46 1.01
CA LEU A 307 -25.49 21.40 0.96
C LEU A 307 -25.00 22.21 -0.24
N SER A 308 -24.32 23.31 0.02
CA SER A 308 -23.80 24.18 -1.05
C SER A 308 -22.61 23.55 -1.79
N ASP A 309 -21.91 22.61 -1.17
CA ASP A 309 -20.90 21.81 -1.86
C ASP A 309 -20.95 20.37 -1.33
N THR A 310 -20.09 19.50 -1.85
CA THR A 310 -19.95 18.18 -1.26
C THR A 310 -19.51 18.30 0.21
N PRO A 311 -19.91 17.35 1.06
CA PRO A 311 -19.50 17.43 2.46
C PRO A 311 -17.97 17.41 2.61
N GLU A 312 -17.31 16.64 1.78
N GLU A 312 -17.29 16.64 1.77
CA GLU A 312 -15.85 16.62 1.74
CA GLU A 312 -15.83 16.64 1.76
C GLU A 312 -15.28 18.04 1.59
C GLU A 312 -15.30 18.07 1.62
N ALA A 313 -15.76 18.78 0.61
CA ALA A 313 -15.32 20.15 0.39
C ALA A 313 -15.64 21.05 1.58
N LEU A 314 -16.89 20.96 2.07
CA LEU A 314 -17.33 21.80 3.17
C LEU A 314 -16.52 21.57 4.44
N ILE A 315 -16.10 20.33 4.62
CA ILE A 315 -15.26 19.97 5.76
C ILE A 315 -13.85 20.56 5.59
N ASN A 316 -13.20 20.29 4.46
CA ASN A 316 -11.87 20.87 4.19
C ASN A 316 -11.79 22.39 4.30
N ALA A 317 -12.89 23.09 4.04
CA ALA A 317 -12.90 24.55 3.98
C ALA A 317 -13.55 25.28 5.15
N GLY A 318 -13.98 24.55 6.17
CA GLY A 318 -14.77 25.16 7.23
C GLY A 318 -13.98 25.58 8.47
N ASP A 319 -14.48 26.59 9.18
CA ASP A 319 -13.91 27.01 10.45
C ASP A 319 -14.73 26.36 11.54
N PHE A 320 -14.07 25.62 12.44
CA PHE A 320 -14.81 24.87 13.46
C PHE A 320 -14.39 25.18 14.89
N HIS A 321 -13.82 26.37 15.09
CA HIS A 321 -13.55 26.87 16.45
C HIS A 321 -14.84 27.01 17.24
N GLY A 322 -14.85 26.50 18.47
CA GLY A 322 -16.03 26.55 19.33
C GLY A 322 -16.90 25.30 19.27
N LEU A 323 -16.54 24.35 18.41
CA LEU A 323 -17.31 23.12 18.29
C LEU A 323 -16.65 22.02 19.11
N GLN A 324 -17.47 21.26 19.82
CA GLN A 324 -17.00 20.00 20.40
C GLN A 324 -17.77 18.83 19.80
N VAL A 325 -17.04 17.77 19.47
CA VAL A 325 -17.60 16.63 18.76
C VAL A 325 -17.10 15.35 19.39
N LEU A 326 -17.96 14.35 19.44
CA LEU A 326 -17.60 13.01 19.93
C LEU A 326 -17.86 12.04 18.77
N VAL A 327 -16.83 11.34 18.32
CA VAL A 327 -16.99 10.44 17.16
C VAL A 327 -16.38 9.09 17.49
N GLY A 328 -16.83 8.06 16.79
CA GLY A 328 -16.23 6.75 16.97
C GLY A 328 -16.81 5.68 16.08
N VAL A 329 -16.29 4.47 16.26
CA VAL A 329 -16.65 3.32 15.42
C VAL A 329 -16.74 2.07 16.29
N VAL A 330 -17.40 1.03 15.78
CA VAL A 330 -17.28 -0.30 16.41
C VAL A 330 -16.09 -1.08 15.85
N LYS A 331 -15.77 -2.21 16.46
CA LYS A 331 -14.56 -2.97 16.14
C LYS A 331 -14.64 -3.62 14.78
N ASP A 332 -15.83 -4.01 14.34
CA ASP A 332 -15.95 -4.64 13.03
C ASP A 332 -17.04 -4.03 12.17
N GLU A 333 -16.76 -2.84 11.64
CA GLU A 333 -17.72 -2.08 10.85
C GLU A 333 -18.21 -2.79 9.60
N GLY A 334 -17.36 -3.59 8.96
CA GLY A 334 -17.76 -4.19 7.70
C GLY A 334 -18.57 -5.47 7.75
N SER A 335 -18.47 -6.20 8.87
CA SER A 335 -18.90 -7.60 8.90
C SER A 335 -20.40 -7.84 8.58
N TYR A 336 -21.27 -7.03 9.18
CA TYR A 336 -22.73 -7.11 8.94
C TYR A 336 -23.11 -7.04 7.46
N PHE A 337 -22.44 -6.19 6.70
CA PHE A 337 -22.84 -5.95 5.32
C PHE A 337 -22.49 -7.09 4.37
N LEU A 338 -21.53 -7.92 4.76
CA LEU A 338 -21.03 -8.96 3.86
C LEU A 338 -22.07 -10.03 3.53
N VAL A 339 -23.02 -10.27 4.44
CA VAL A 339 -24.04 -11.27 4.19
C VAL A 339 -25.16 -10.78 3.26
N TYR A 340 -25.09 -9.52 2.82
CA TYR A 340 -26.10 -8.99 1.90
C TYR A 340 -25.65 -8.89 0.44
N GLY A 341 -24.68 -9.71 0.02
CA GLY A 341 -24.25 -9.69 -1.37
C GLY A 341 -22.84 -10.14 -1.72
N ALA A 342 -21.96 -10.26 -0.72
CA ALA A 342 -20.61 -10.73 -1.00
C ALA A 342 -20.67 -12.25 -1.19
N PRO A 343 -20.14 -12.76 -2.31
CA PRO A 343 -20.18 -14.21 -2.56
C PRO A 343 -19.45 -15.00 -1.48
N GLY A 344 -20.05 -16.10 -1.05
CA GLY A 344 -19.42 -16.97 -0.07
C GLY A 344 -19.82 -16.71 1.37
N PHE A 345 -20.53 -15.61 1.62
CA PHE A 345 -20.84 -15.22 3.01
C PHE A 345 -22.21 -15.66 3.51
N SER A 346 -22.29 -15.96 4.80
CA SER A 346 -23.55 -16.28 5.45
C SER A 346 -23.39 -16.19 6.96
N LYS A 347 -24.44 -15.74 7.65
CA LYS A 347 -24.40 -15.73 9.11
C LYS A 347 -24.35 -17.17 9.64
N ASP A 348 -24.78 -18.12 8.81
CA ASP A 348 -24.95 -19.50 9.27
C ASP A 348 -23.80 -20.45 8.95
N ASN A 349 -22.69 -19.93 8.45
CA ASN A 349 -21.44 -20.69 8.40
C ASN A 349 -20.22 -19.80 8.73
N GLU A 350 -19.03 -20.36 8.58
CA GLU A 350 -17.82 -19.63 8.96
C GLU A 350 -17.41 -18.58 7.91
N SER A 351 -18.08 -18.59 6.76
CA SER A 351 -17.75 -17.71 5.64
C SER A 351 -16.26 -17.69 5.30
N LEU A 352 -15.64 -18.87 5.31
CA LEU A 352 -14.23 -18.97 4.97
C LEU A 352 -14.12 -18.95 3.44
N ILE A 353 -13.99 -17.76 2.86
CA ILE A 353 -14.07 -17.61 1.41
C ILE A 353 -12.75 -17.97 0.72
N SER A 354 -12.82 -18.11 -0.60
CA SER A 354 -11.67 -18.40 -1.45
C SER A 354 -11.17 -17.09 -2.07
N ARG A 355 -9.98 -17.15 -2.68
CA ARG A 355 -9.37 -15.94 -3.23
C ARG A 355 -10.22 -15.36 -4.34
N ALA A 356 -10.76 -16.25 -5.19
CA ALA A 356 -11.67 -15.83 -6.26
C ALA A 356 -12.91 -15.10 -5.70
N GLU A 357 -13.48 -15.62 -4.60
CA GLU A 357 -14.61 -14.98 -3.96
C GLU A 357 -14.17 -13.62 -3.39
N PHE A 358 -12.98 -13.59 -2.80
CA PHE A 358 -12.48 -12.34 -2.26
C PHE A 358 -12.37 -11.30 -3.36
N LEU A 359 -11.84 -11.70 -4.51
CA LEU A 359 -11.67 -10.80 -5.65
C LEU A 359 -13.00 -10.29 -6.24
N ALA A 360 -13.94 -11.19 -6.49
CA ALA A 360 -15.28 -10.78 -6.87
C ALA A 360 -15.91 -9.88 -5.78
N GLY A 361 -15.67 -10.20 -4.51
CA GLY A 361 -16.21 -9.42 -3.40
C GLY A 361 -15.76 -7.97 -3.38
N VAL A 362 -14.51 -7.72 -3.79
CA VAL A 362 -13.97 -6.38 -3.81
C VAL A 362 -14.75 -5.47 -4.76
N ARG A 363 -15.23 -6.01 -5.88
CA ARG A 363 -16.01 -5.20 -6.81
C ARG A 363 -17.42 -4.94 -6.25
N VAL A 364 -17.90 -5.81 -5.35
CA VAL A 364 -19.22 -5.62 -4.73
C VAL A 364 -19.10 -4.60 -3.59
N GLY A 365 -18.04 -4.71 -2.81
CA GLY A 365 -17.79 -3.82 -1.69
C GLY A 365 -17.23 -2.46 -2.05
N VAL A 366 -16.64 -2.35 -3.25
CA VAL A 366 -16.15 -1.05 -3.74
C VAL A 366 -16.71 -0.80 -5.13
N PRO A 367 -18.04 -0.60 -5.22
CA PRO A 367 -18.73 -0.56 -6.51
C PRO A 367 -18.38 0.68 -7.31
N GLN A 368 -18.52 0.61 -8.63
CA GLN A 368 -18.42 1.80 -9.47
C GLN A 368 -17.03 2.46 -9.52
N VAL A 369 -15.97 1.70 -9.30
CA VAL A 369 -14.64 2.25 -9.54
C VAL A 369 -13.92 1.52 -10.69
N SER A 370 -12.86 2.12 -11.20
CA SER A 370 -12.10 1.52 -12.30
C SER A 370 -11.43 0.24 -11.87
N ASP A 371 -11.05 -0.58 -12.85
CA ASP A 371 -10.28 -1.80 -12.58
C ASP A 371 -8.97 -1.47 -11.87
N LEU A 372 -8.32 -0.39 -12.28
CA LEU A 372 -7.08 0.04 -11.64
C LEU A 372 -7.30 0.32 -10.15
N ALA A 373 -8.35 1.06 -9.84
CA ALA A 373 -8.71 1.36 -8.45
C ALA A 373 -8.91 0.07 -7.66
N ALA A 374 -9.65 -0.87 -8.24
CA ALA A 374 -9.88 -2.16 -7.59
C ALA A 374 -8.57 -2.91 -7.35
N GLU A 375 -7.64 -2.82 -8.32
CA GLU A 375 -6.37 -3.49 -8.19
C GLU A 375 -5.62 -2.94 -7.00
N ALA A 376 -5.65 -1.62 -6.87
CA ALA A 376 -5.01 -0.98 -5.73
C ALA A 376 -5.60 -1.45 -4.40
N VAL A 377 -6.93 -1.66 -4.36
CA VAL A 377 -7.54 -2.18 -3.14
C VAL A 377 -6.98 -3.57 -2.82
N VAL A 378 -6.99 -4.45 -3.81
CA VAL A 378 -6.43 -5.80 -3.69
C VAL A 378 -4.96 -5.81 -3.22
N LEU A 379 -4.15 -4.86 -3.71
CA LEU A 379 -2.77 -4.76 -3.25
C LEU A 379 -2.67 -4.44 -1.76
N HIS A 380 -3.40 -3.41 -1.33
N HIS A 380 -3.42 -3.42 -1.32
CA HIS A 380 -3.32 -2.96 0.05
CA HIS A 380 -3.28 -2.97 0.07
C HIS A 380 -3.78 -4.06 1.02
C HIS A 380 -3.91 -3.93 1.08
N TYR A 381 -4.85 -4.75 0.62
CA TYR A 381 -5.55 -5.65 1.53
C TYR A 381 -5.19 -7.13 1.40
N THR A 382 -4.24 -7.45 0.53
CA THR A 382 -3.69 -8.80 0.47
C THR A 382 -2.47 -8.92 1.39
N ASP A 383 -2.37 -10.02 2.12
CA ASP A 383 -1.11 -10.38 2.76
C ASP A 383 -0.35 -11.28 1.77
N TRP A 384 0.69 -10.75 1.15
CA TRP A 384 1.38 -11.47 0.07
C TRP A 384 2.21 -12.69 0.50
N LEU A 385 2.28 -12.92 1.82
CA LEU A 385 2.81 -14.17 2.38
C LEU A 385 1.71 -15.23 2.57
N HIS A 386 0.45 -14.79 2.55
CA HIS A 386 -0.71 -15.67 2.70
C HIS A 386 -1.84 -15.26 1.76
N PRO A 387 -1.56 -15.20 0.46
CA PRO A 387 -2.55 -14.64 -0.48
C PRO A 387 -3.89 -15.39 -0.54
N GLU A 388 -3.93 -16.65 -0.10
CA GLU A 388 -5.12 -17.48 -0.36
C GLU A 388 -5.76 -18.07 0.88
N ASP A 389 -5.34 -17.62 2.05
CA ASP A 389 -5.86 -18.16 3.28
C ASP A 389 -7.28 -17.64 3.60
N PRO A 390 -8.28 -18.54 3.62
CA PRO A 390 -9.71 -18.18 3.81
C PRO A 390 -10.01 -17.25 5.00
N ALA A 391 -9.54 -17.57 6.19
CA ALA A 391 -9.82 -16.74 7.36
C ALA A 391 -9.26 -15.32 7.20
N ARG A 392 -8.03 -15.21 6.72
CA ARG A 392 -7.46 -13.89 6.46
C ARG A 392 -8.24 -13.15 5.37
N LEU A 393 -8.72 -13.86 4.36
CA LEU A 393 -9.50 -13.24 3.28
C LEU A 393 -10.86 -12.71 3.79
N ARG A 394 -11.48 -13.48 4.68
CA ARG A 394 -12.74 -13.06 5.30
C ARG A 394 -12.51 -11.77 6.06
N GLU A 395 -11.47 -11.75 6.91
CA GLU A 395 -11.16 -10.56 7.69
C GLU A 395 -10.78 -9.36 6.81
N ALA A 396 -10.07 -9.60 5.71
CA ALA A 396 -9.63 -8.50 4.86
C ALA A 396 -10.80 -7.83 4.13
N LEU A 397 -11.73 -8.62 3.59
CA LEU A 397 -12.90 -8.04 2.91
C LEU A 397 -13.82 -7.27 3.90
N SER A 398 -13.90 -7.77 5.14
CA SER A 398 -14.61 -7.06 6.19
C SER A 398 -14.02 -5.66 6.37
N ASP A 399 -12.70 -5.62 6.49
CA ASP A 399 -11.90 -4.38 6.55
C ASP A 399 -12.08 -3.46 5.35
N VAL A 400 -12.03 -4.03 4.15
CA VAL A 400 -12.29 -3.23 2.96
C VAL A 400 -13.63 -2.46 3.08
N VAL A 401 -14.71 -3.19 3.32
CA VAL A 401 -16.03 -2.60 3.39
C VAL A 401 -16.15 -1.60 4.55
N GLY A 402 -15.64 -2.00 5.71
CA GLY A 402 -15.66 -1.15 6.90
C GLY A 402 -14.82 0.11 6.84
N ASP A 403 -13.62 0.01 6.26
CA ASP A 403 -12.71 1.16 6.18
C ASP A 403 -13.26 2.16 5.18
N HIS A 404 -13.63 1.66 4.01
CA HIS A 404 -14.14 2.47 2.91
C HIS A 404 -15.42 3.25 3.28
N ASN A 405 -16.35 2.55 3.89
CA ASN A 405 -17.64 3.15 4.20
C ASN A 405 -17.73 3.92 5.53
N VAL A 406 -16.97 3.50 6.55
CA VAL A 406 -17.14 4.06 7.89
C VAL A 406 -15.86 4.60 8.55
N VAL A 407 -14.88 3.73 8.77
CA VAL A 407 -13.69 4.11 9.52
C VAL A 407 -12.94 5.29 8.91
N CYS A 408 -12.61 5.19 7.63
CA CYS A 408 -11.82 6.24 6.99
C CYS A 408 -12.59 7.57 6.79
N PRO A 409 -13.87 7.51 6.40
CA PRO A 409 -14.64 8.77 6.43
C PRO A 409 -14.72 9.44 7.83
N VAL A 410 -14.91 8.65 8.89
CA VAL A 410 -14.93 9.20 10.25
C VAL A 410 -13.54 9.77 10.66
N ALA A 411 -12.47 9.04 10.35
CA ALA A 411 -11.11 9.53 10.63
C ALA A 411 -10.80 10.85 9.93
N GLN A 412 -11.24 10.98 8.68
CA GLN A 412 -11.00 12.20 7.94
C GLN A 412 -11.80 13.38 8.49
N LEU A 413 -13.06 13.13 8.82
CA LEU A 413 -13.86 14.14 9.54
C LEU A 413 -13.18 14.58 10.83
N ALA A 414 -12.69 13.62 11.60
CA ALA A 414 -12.07 13.93 12.89
C ALA A 414 -10.77 14.73 12.71
N GLY A 415 -9.96 14.30 11.76
CA GLY A 415 -8.69 14.97 11.50
C GLY A 415 -8.88 16.41 11.07
N ARG A 416 -9.79 16.61 10.13
CA ARG A 416 -9.99 17.93 9.58
C ARG A 416 -10.66 18.85 10.59
N LEU A 417 -11.63 18.35 11.35
CA LEU A 417 -12.27 19.18 12.38
C LEU A 417 -11.27 19.62 13.45
N ALA A 418 -10.49 18.69 13.95
CA ALA A 418 -9.49 18.99 14.99
C ALA A 418 -8.46 20.01 14.48
N ALA A 419 -8.01 19.84 13.25
CA ALA A 419 -7.00 20.74 12.67
C ALA A 419 -7.59 22.12 12.35
N GLN A 420 -8.92 22.23 12.31
CA GLN A 420 -9.55 23.49 11.93
C GLN A 420 -10.37 24.11 13.04
N GLY A 421 -10.00 23.81 14.27
CA GLY A 421 -10.53 24.53 15.41
C GLY A 421 -11.37 23.77 16.42
N ALA A 422 -11.86 22.58 16.07
CA ALA A 422 -12.78 21.90 16.99
C ALA A 422 -12.05 21.06 17.99
N ARG A 423 -12.71 20.77 19.11
CA ARG A 423 -12.19 19.81 20.07
C ARG A 423 -12.90 18.47 19.85
N VAL A 424 -12.14 17.43 19.53
CA VAL A 424 -12.68 16.14 19.09
C VAL A 424 -12.31 15.04 20.08
N TYR A 425 -13.28 14.19 20.45
CA TYR A 425 -12.98 12.96 21.17
C TYR A 425 -13.32 11.74 20.30
N ALA A 426 -12.46 10.72 20.32
CA ALA A 426 -12.63 9.54 19.45
C ALA A 426 -12.63 8.25 20.24
N TYR A 427 -13.42 7.28 19.81
CA TYR A 427 -13.45 5.99 20.48
C TYR A 427 -13.54 4.85 19.51
N VAL A 428 -13.10 3.67 19.97
CA VAL A 428 -13.46 2.44 19.31
C VAL A 428 -14.20 1.56 20.29
N PHE A 429 -15.37 1.08 19.89
CA PHE A 429 -16.20 0.28 20.77
C PHE A 429 -15.90 -1.18 20.53
N GLU A 430 -15.42 -1.87 21.56
CA GLU A 430 -14.79 -3.18 21.37
C GLU A 430 -15.42 -4.31 22.19
N HIS A 431 -16.59 -4.07 22.78
CA HIS A 431 -17.23 -5.11 23.58
C HIS A 431 -18.27 -5.85 22.76
N ARG A 432 -18.18 -7.17 22.76
CA ARG A 432 -19.20 -7.98 22.10
C ARG A 432 -20.25 -8.39 23.13
N ALA A 433 -21.50 -7.99 22.91
CA ALA A 433 -22.56 -8.22 23.88
C ALA A 433 -22.78 -9.71 24.13
N SER A 434 -22.95 -10.09 25.40
CA SER A 434 -23.21 -11.48 25.76
C SER A 434 -24.47 -12.01 25.07
N THR A 435 -25.35 -11.10 24.67
CA THR A 435 -26.62 -11.49 24.09
C THR A 435 -26.62 -11.49 22.56
N LEU A 436 -25.48 -11.20 21.95
CA LEU A 436 -25.46 -11.04 20.50
C LEU A 436 -25.89 -12.32 19.77
N SER A 437 -26.79 -12.19 18.81
CA SER A 437 -27.28 -13.33 18.03
C SER A 437 -26.55 -13.56 16.70
N TRP A 438 -25.72 -12.61 16.29
CA TRP A 438 -24.90 -12.82 15.10
C TRP A 438 -23.72 -13.72 15.46
N PRO A 439 -23.22 -14.51 14.49
CA PRO A 439 -22.13 -15.46 14.76
C PRO A 439 -20.87 -14.78 15.25
N LEU A 440 -20.02 -15.55 15.90
CA LEU A 440 -18.75 -15.07 16.45
C LEU A 440 -17.81 -14.45 15.41
N TRP A 441 -17.83 -14.93 14.17
CA TRP A 441 -16.87 -14.41 13.18
C TRP A 441 -17.12 -12.94 12.85
N MET A 442 -18.34 -12.45 13.10
CA MET A 442 -18.67 -11.06 12.82
C MET A 442 -18.12 -10.06 13.84
N GLY A 443 -17.65 -10.57 14.98
CA GLY A 443 -17.07 -9.72 16.01
C GLY A 443 -18.06 -8.74 16.63
N VAL A 444 -17.70 -7.45 16.66
CA VAL A 444 -18.61 -6.40 17.12
C VAL A 444 -19.20 -5.65 15.92
N PRO A 445 -20.40 -6.06 15.48
CA PRO A 445 -20.86 -5.49 14.20
C PRO A 445 -21.46 -4.08 14.32
N HIS A 446 -21.58 -3.44 13.17
CA HIS A 446 -22.27 -2.16 12.99
C HIS A 446 -23.60 -2.11 13.75
N GLY A 447 -23.77 -1.09 14.57
CA GLY A 447 -25.03 -0.91 15.28
C GLY A 447 -25.08 -1.42 16.71
N TYR A 448 -24.07 -2.17 17.13
CA TYR A 448 -24.18 -2.89 18.40
C TYR A 448 -23.55 -2.23 19.62
N GLU A 449 -23.18 -0.96 19.49
CA GLU A 449 -22.88 -0.14 20.67
C GLU A 449 -24.16 0.57 21.17
N ILE A 450 -25.10 0.82 20.27
CA ILE A 450 -26.30 1.60 20.58
C ILE A 450 -27.05 1.14 21.85
N GLU A 451 -27.28 -0.17 21.98
CA GLU A 451 -27.97 -0.69 23.18
C GLU A 451 -27.20 -0.38 24.48
N PHE A 452 -25.87 -0.24 24.39
CA PHE A 452 -25.11 0.14 25.57
C PHE A 452 -25.20 1.63 25.90
N ILE A 453 -25.23 2.47 24.87
CA ILE A 453 -25.37 3.90 25.05
C ILE A 453 -26.74 4.21 25.69
N PHE A 454 -27.80 3.51 25.27
CA PHE A 454 -29.17 3.79 25.75
C PHE A 454 -29.48 3.09 27.08
N GLY A 455 -28.49 2.39 27.64
CA GLY A 455 -28.66 1.72 28.92
C GLY A 455 -29.61 0.53 28.90
N ILE A 456 -29.88 -0.02 27.72
CA ILE A 456 -30.75 -1.19 27.56
C ILE A 456 -30.40 -2.38 28.47
N PRO A 457 -29.09 -2.60 28.74
CA PRO A 457 -28.77 -3.69 29.68
C PRO A 457 -29.35 -3.56 31.09
N LEU A 458 -29.87 -2.40 31.47
CA LEU A 458 -30.41 -2.23 32.82
C LEU A 458 -31.82 -2.82 32.93
N ASP A 459 -32.41 -3.13 31.77
CA ASP A 459 -33.72 -3.74 31.73
C ASP A 459 -33.66 -5.14 32.32
N PRO A 460 -34.35 -5.34 33.47
CA PRO A 460 -34.35 -6.61 34.20
C PRO A 460 -34.83 -7.79 33.35
N SER A 461 -35.86 -7.57 32.53
CA SER A 461 -36.38 -8.61 31.64
C SER A 461 -35.38 -9.09 30.58
N ARG A 462 -34.22 -8.44 30.46
CA ARG A 462 -33.21 -8.90 29.51
C ARG A 462 -32.03 -9.56 30.20
N ASN A 463 -31.13 -10.13 29.40
CA ASN A 463 -30.18 -11.12 29.90
C ASN A 463 -28.74 -10.68 30.05
N TYR A 464 -28.49 -9.39 30.21
CA TYR A 464 -27.11 -8.90 30.24
C TYR A 464 -26.47 -9.21 31.59
N THR A 465 -25.16 -9.38 31.62
CA THR A 465 -24.45 -9.65 32.87
C THR A 465 -24.35 -8.43 33.77
N ALA A 466 -23.96 -8.67 35.02
CA ALA A 466 -23.71 -7.59 35.98
C ALA A 466 -22.62 -6.63 35.49
N GLU A 467 -21.55 -7.17 34.90
CA GLU A 467 -20.47 -6.34 34.33
C GLU A 467 -21.00 -5.45 33.21
N GLU A 468 -21.91 -6.00 32.42
CA GLU A 468 -22.42 -5.28 31.26
C GLU A 468 -23.26 -4.08 31.68
N LYS A 469 -24.00 -4.21 32.79
CA LYS A 469 -24.80 -3.13 33.34
C LYS A 469 -23.93 -1.98 33.83
N ILE A 470 -22.86 -2.32 34.54
CA ILE A 470 -21.89 -1.34 34.99
C ILE A 470 -21.22 -0.63 33.80
N PHE A 471 -20.99 -1.37 32.72
CA PHE A 471 -20.36 -0.82 31.52
C PHE A 471 -21.32 0.17 30.84
N ALA A 472 -22.59 -0.23 30.75
CA ALA A 472 -23.60 0.65 30.20
C ALA A 472 -23.69 1.92 31.02
N GLN A 473 -23.55 1.80 32.33
CA GLN A 473 -23.65 2.98 33.18
C GLN A 473 -22.48 3.93 32.93
N ARG A 474 -21.28 3.37 32.74
CA ARG A 474 -20.10 4.15 32.36
C ARG A 474 -20.30 4.92 31.05
N LEU A 475 -20.88 4.25 30.06
CA LEU A 475 -21.06 4.82 28.73
C LEU A 475 -22.09 5.95 28.78
N MET A 476 -23.18 5.70 29.51
CA MET A 476 -24.22 6.71 29.68
C MET A 476 -23.62 7.96 30.32
N ARG A 477 -22.74 7.77 31.29
CA ARG A 477 -22.04 8.90 31.94
C ARG A 477 -21.12 9.66 30.97
N TYR A 478 -20.33 8.94 30.17
CA TYR A 478 -19.47 9.63 29.19
C TYR A 478 -20.31 10.51 28.27
N TRP A 479 -21.39 9.93 27.74
CA TRP A 479 -22.22 10.62 26.75
C TRP A 479 -22.91 11.85 27.33
N ALA A 480 -23.43 11.70 28.55
CA ALA A 480 -24.13 12.78 29.20
C ALA A 480 -23.17 13.87 29.69
N ASN A 481 -21.97 13.47 30.14
CA ASN A 481 -20.93 14.46 30.50
C ASN A 481 -20.60 15.32 29.29
N PHE A 482 -20.51 14.67 28.13
CA PHE A 482 -20.21 15.37 26.88
C PHE A 482 -21.33 16.34 26.54
N ALA A 483 -22.58 15.88 26.64
CA ALA A 483 -23.73 16.75 26.44
C ALA A 483 -23.73 18.00 27.37
N ARG A 484 -23.35 17.81 28.62
CA ARG A 484 -23.39 18.90 29.61
C ARG A 484 -22.22 19.84 29.51
N THR A 485 -21.04 19.34 29.17
CA THR A 485 -19.83 20.17 29.23
C THR A 485 -18.95 20.22 27.96
N GLY A 486 -19.20 19.35 27.00
CA GLY A 486 -18.29 19.24 25.87
C GLY A 486 -17.09 18.34 26.13
N ASP A 487 -17.14 17.58 27.21
CA ASP A 487 -15.99 16.76 27.59
C ASP A 487 -16.53 15.51 28.30
N PRO A 488 -16.22 14.31 27.76
CA PRO A 488 -16.83 13.13 28.39
C PRO A 488 -16.19 12.76 29.73
N ASN A 489 -15.00 13.28 30.02
CA ASN A 489 -14.27 12.86 31.23
C ASN A 489 -14.99 13.11 32.56
N GLU A 490 -14.93 12.10 33.42
CA GLU A 490 -15.20 12.21 34.85
C GLU A 490 -14.04 12.94 35.53
N PRO A 491 -14.23 13.38 36.79
CA PRO A 491 -13.13 13.92 37.61
C PRO A 491 -11.94 12.97 37.70
N ARG A 492 -10.73 13.53 37.72
CA ARG A 492 -9.49 12.75 37.66
C ARG A 492 -9.41 11.64 38.71
N ASP A 493 -8.85 10.51 38.29
CA ASP A 493 -8.67 9.34 39.14
C ASP A 493 -7.47 8.52 38.66
N PRO A 497 -8.13 6.94 34.50
CA PRO A 497 -7.38 7.22 33.25
C PRO A 497 -8.18 8.15 32.34
N GLN A 498 -7.55 9.22 31.86
CA GLN A 498 -8.28 10.28 31.18
C GLN A 498 -8.44 10.01 29.68
N TRP A 499 -9.54 10.51 29.12
CA TRP A 499 -9.85 10.41 27.70
C TRP A 499 -9.31 11.66 27.01
N PRO A 500 -8.19 11.53 26.30
CA PRO A 500 -7.58 12.69 25.63
C PRO A 500 -8.26 13.06 24.32
N PRO A 501 -8.24 14.34 23.96
CA PRO A 501 -8.73 14.83 22.67
C PRO A 501 -7.96 14.25 21.49
N TYR A 502 -8.68 13.99 20.40
CA TYR A 502 -8.09 13.49 19.17
C TYR A 502 -7.54 14.64 18.37
N THR A 503 -6.34 14.47 17.84
CA THR A 503 -5.71 15.49 16.99
C THR A 503 -5.11 14.84 15.74
N ALA A 504 -4.93 15.64 14.69
CA ALA A 504 -4.46 15.10 13.40
C ALA A 504 -3.07 14.47 13.47
N GLY A 505 -2.22 14.96 14.37
CA GLY A 505 -0.89 14.39 14.50
C GLY A 505 -0.81 13.21 15.45
N ALA A 506 -1.15 13.41 16.72
CA ALA A 506 -1.09 12.32 17.69
C ALA A 506 -2.18 11.24 17.49
N GLN A 507 -3.35 11.64 16.97
CA GLN A 507 -4.42 10.67 16.59
C GLN A 507 -4.90 9.75 17.71
N GLN A 508 -4.98 10.27 18.94
CA GLN A 508 -5.36 9.46 20.09
C GLN A 508 -6.87 9.23 20.19
N TYR A 509 -7.23 7.99 20.54
CA TYR A 509 -8.62 7.61 20.81
C TYR A 509 -8.64 6.59 21.94
N VAL A 510 -9.81 6.27 22.50
CA VAL A 510 -9.87 5.25 23.53
C VAL A 510 -10.64 4.00 23.11
N SER A 511 -10.27 2.86 23.68
CA SER A 511 -11.07 1.65 23.54
C SER A 511 -12.17 1.64 24.61
N LEU A 512 -13.42 1.42 24.19
CA LEU A 512 -14.53 1.27 25.13
C LEU A 512 -14.93 -0.20 25.27
N ASP A 513 -14.57 -0.80 26.39
CA ASP A 513 -14.98 -2.16 26.70
C ASP A 513 -15.04 -2.35 28.23
N LEU A 514 -15.05 -3.59 28.69
CA LEU A 514 -15.26 -3.84 30.12
C LEU A 514 -14.07 -3.45 30.98
N ARG A 515 -12.90 -3.30 30.36
CA ARG A 515 -11.68 -2.90 31.05
C ARG A 515 -11.67 -1.39 31.14
N PRO A 516 -10.83 -0.83 32.04
CA PRO A 516 -10.67 0.63 32.06
C PRO A 516 -10.20 1.15 30.70
N LEU A 517 -10.44 2.43 30.43
CA LEU A 517 -10.00 3.09 29.21
C LEU A 517 -8.53 2.84 28.88
N GLU A 518 -8.28 2.49 27.62
CA GLU A 518 -6.92 2.36 27.12
C GLU A 518 -6.76 3.34 25.98
N VAL A 519 -5.74 4.18 26.08
CA VAL A 519 -5.47 5.18 25.07
C VAL A 519 -4.59 4.58 23.98
N ARG A 520 -4.98 4.78 22.72
CA ARG A 520 -4.23 4.28 21.57
C ARG A 520 -4.09 5.35 20.50
N ARG A 521 -3.33 5.03 19.45
CA ARG A 521 -3.02 5.99 18.38
C ARG A 521 -3.43 5.45 17.00
N GLY A 522 -4.09 6.29 16.21
CA GLY A 522 -4.38 5.97 14.83
C GLY A 522 -5.66 5.18 14.58
N LEU A 523 -6.60 5.81 13.90
CA LEU A 523 -7.81 5.13 13.43
C LEU A 523 -7.50 4.44 12.10
N ARG A 524 -6.91 3.25 12.17
N ARG A 524 -6.91 3.25 12.16
CA ARG A 524 -6.48 2.49 11.00
CA ARG A 524 -6.52 2.51 10.97
C ARG A 524 -5.74 3.41 10.03
C ARG A 524 -5.75 3.42 10.02
N ALA A 525 -4.74 4.10 10.55
CA ALA A 525 -3.98 5.11 9.81
C ALA A 525 -3.36 4.64 8.49
N GLN A 526 -2.74 3.46 8.48
CA GLN A 526 -2.15 2.94 7.26
C GLN A 526 -3.22 2.70 6.19
N ALA A 527 -4.34 2.09 6.54
CA ALA A 527 -5.39 1.85 5.56
C ALA A 527 -6.07 3.15 5.13
N CYS A 528 -6.32 4.03 6.10
CA CYS A 528 -7.01 5.29 5.81
C CYS A 528 -6.19 6.29 5.00
N ALA A 529 -4.87 6.18 5.05
CA ALA A 529 -4.04 6.96 4.14
C ALA A 529 -4.39 6.59 2.70
N PHE A 530 -4.59 5.29 2.46
CA PHE A 530 -5.01 4.83 1.14
C PHE A 530 -6.36 5.47 0.70
N TRP A 531 -7.41 5.31 1.49
CA TRP A 531 -8.75 5.77 1.08
C TRP A 531 -8.85 7.28 1.01
N ASN A 532 -8.17 7.96 1.94
CA ASN A 532 -8.31 9.40 2.11
C ASN A 532 -7.28 10.22 1.33
N ARG A 533 -6.09 9.66 1.12
CA ARG A 533 -5.03 10.45 0.49
C ARG A 533 -4.71 10.01 -0.94
N PHE A 534 -4.47 8.72 -1.13
CA PHE A 534 -4.06 8.24 -2.45
C PHE A 534 -5.23 7.99 -3.39
N LEU A 535 -6.23 7.22 -2.96
CA LEU A 535 -7.28 6.81 -3.88
C LEU A 535 -7.99 7.97 -4.64
N PRO A 536 -8.29 9.09 -3.95
CA PRO A 536 -8.88 10.20 -4.71
C PRO A 536 -8.00 10.70 -5.86
N LYS A 537 -6.67 10.71 -5.68
CA LYS A 537 -5.77 11.16 -6.75
C LYS A 537 -5.87 10.23 -7.94
N LEU A 538 -5.89 8.94 -7.67
CA LEU A 538 -6.00 7.93 -8.72
C LEU A 538 -7.30 8.09 -9.51
N LEU A 539 -8.41 8.23 -8.81
CA LEU A 539 -9.72 8.38 -9.45
C LEU A 539 -9.85 9.62 -10.33
N SER A 540 -9.04 10.65 -10.06
CA SER A 540 -9.05 11.90 -10.83
C SER A 540 -8.19 11.84 -12.09
N ALA A 541 -7.37 10.81 -12.19
CA ALA A 541 -6.48 10.63 -13.35
C ALA A 541 -6.87 9.42 -14.18
N GLU B 3 62.63 -23.64 -16.67
CA GLU B 3 61.18 -23.47 -16.86
C GLU B 3 60.35 -24.46 -15.99
N ASP B 4 59.17 -24.02 -15.54
CA ASP B 4 58.26 -24.85 -14.72
C ASP B 4 57.10 -25.34 -15.57
N ALA B 5 56.99 -26.65 -15.73
CA ALA B 5 55.96 -27.25 -16.60
C ALA B 5 54.53 -26.90 -16.19
N GLU B 6 54.31 -26.67 -14.89
CA GLU B 6 52.97 -26.35 -14.40
C GLU B 6 52.53 -24.98 -14.92
N LEU B 7 53.52 -24.13 -15.19
CA LEU B 7 53.26 -22.75 -15.58
C LEU B 7 53.24 -22.53 -17.08
N LEU B 8 53.24 -23.62 -17.86
CA LEU B 8 53.19 -23.51 -19.31
C LEU B 8 51.96 -24.21 -19.85
N VAL B 9 51.26 -23.52 -20.75
CA VAL B 9 50.01 -24.03 -21.27
C VAL B 9 49.87 -23.57 -22.70
N THR B 10 49.33 -24.44 -23.55
CA THR B 10 49.02 -24.09 -24.92
C THR B 10 47.52 -23.99 -25.13
N VAL B 11 47.06 -22.86 -25.65
CA VAL B 11 45.65 -22.69 -25.96
C VAL B 11 45.57 -22.54 -27.46
N ARG B 12 44.36 -22.49 -28.01
CA ARG B 12 44.22 -22.46 -29.48
C ARG B 12 45.03 -21.36 -30.14
N GLY B 13 45.30 -20.28 -29.42
CA GLY B 13 45.95 -19.13 -30.00
C GLY B 13 47.46 -19.22 -30.02
N GLY B 14 48.02 -20.01 -29.13
CA GLY B 14 49.46 -20.09 -28.96
C GLY B 14 49.86 -20.42 -27.54
N ARG B 15 51.12 -20.19 -27.23
CA ARG B 15 51.68 -20.61 -25.95
C ARG B 15 51.60 -19.51 -24.90
N LEU B 16 51.38 -19.91 -23.65
CA LEU B 16 51.29 -19.00 -22.52
C LEU B 16 52.24 -19.42 -21.42
N ARG B 17 52.71 -18.43 -20.67
CA ARG B 17 53.52 -18.63 -19.47
C ARG B 17 52.80 -17.95 -18.32
N GLY B 18 52.63 -18.64 -17.20
CA GLY B 18 51.90 -18.09 -16.07
C GLY B 18 52.78 -17.84 -14.86
N ILE B 19 52.16 -17.70 -13.69
CA ILE B 19 52.88 -17.37 -12.48
C ILE B 19 52.37 -18.24 -11.30
N ARG B 20 53.27 -18.64 -10.41
CA ARG B 20 52.85 -19.37 -9.21
C ARG B 20 52.56 -18.42 -8.05
N LEU B 21 51.35 -18.51 -7.49
CA LEU B 21 50.93 -17.62 -6.40
C LEU B 21 50.95 -18.30 -5.04
N LYS B 22 51.48 -17.61 -4.03
CA LYS B 22 51.36 -18.08 -2.64
C LYS B 22 49.97 -17.79 -2.10
N THR B 23 49.39 -18.77 -1.41
CA THR B 23 48.20 -18.53 -0.61
C THR B 23 48.38 -19.18 0.76
N PRO B 24 47.75 -18.61 1.80
CA PRO B 24 47.73 -19.19 3.15
C PRO B 24 47.58 -20.70 3.22
N GLY B 25 46.92 -21.31 2.25
CA GLY B 25 46.73 -22.76 2.27
C GLY B 25 47.56 -23.55 1.28
N GLY B 26 48.42 -22.89 0.52
CA GLY B 26 49.21 -23.57 -0.50
C GLY B 26 49.22 -22.87 -1.86
N PRO B 27 50.06 -23.36 -2.79
CA PRO B 27 50.26 -22.71 -4.11
C PRO B 27 49.11 -22.86 -5.10
N VAL B 28 48.92 -21.84 -5.93
CA VAL B 28 47.94 -21.86 -7.00
C VAL B 28 48.66 -21.40 -8.28
N SER B 29 48.28 -21.93 -9.43
CA SER B 29 48.74 -21.41 -10.70
C SER B 29 47.81 -20.30 -11.22
N ALA B 30 48.40 -19.22 -11.73
CA ALA B 30 47.62 -18.12 -12.27
C ALA B 30 48.14 -17.72 -13.64
N PHE B 31 47.22 -17.49 -14.55
CA PHE B 31 47.54 -16.96 -15.86
C PHE B 31 46.70 -15.70 -16.01
N LEU B 32 47.34 -14.57 -15.74
CA LEU B 32 46.68 -13.28 -15.70
C LEU B 32 46.94 -12.49 -16.97
N GLY B 33 45.91 -11.87 -17.53
CA GLY B 33 46.12 -11.05 -18.70
C GLY B 33 46.28 -11.81 -20.01
N ILE B 34 45.42 -12.79 -20.23
CA ILE B 34 45.39 -13.52 -21.51
C ILE B 34 44.50 -12.77 -22.51
N PRO B 35 45.05 -12.43 -23.68
CA PRO B 35 44.27 -11.70 -24.68
C PRO B 35 43.22 -12.61 -25.32
N PHE B 36 41.97 -12.15 -25.42
CA PHE B 36 40.93 -12.99 -26.01
C PHE B 36 40.24 -12.33 -27.20
N ALA B 37 40.48 -11.04 -27.37
CA ALA B 37 40.04 -10.34 -28.57
C ALA B 37 41.16 -9.46 -29.14
N GLU B 38 41.04 -9.07 -30.40
CA GLU B 38 41.87 -8.01 -30.95
C GLU B 38 41.50 -6.71 -30.24
N PRO B 39 42.51 -5.90 -29.86
CA PRO B 39 42.25 -4.62 -29.18
C PRO B 39 41.24 -3.74 -29.97
N PRO B 40 40.15 -3.30 -29.31
CA PRO B 40 39.12 -2.52 -30.00
C PRO B 40 39.53 -1.07 -30.23
N MET B 41 40.70 -0.89 -30.86
CA MET B 41 41.32 0.42 -31.04
C MET B 41 40.78 1.14 -32.26
N GLY B 42 40.78 2.46 -32.21
CA GLY B 42 40.63 3.30 -33.39
C GLY B 42 39.36 3.03 -34.18
N PRO B 43 39.52 2.46 -35.38
CA PRO B 43 38.41 2.05 -36.25
C PRO B 43 37.48 1.02 -35.61
N ARG B 44 37.96 0.27 -34.61
CA ARG B 44 37.19 -0.80 -34.00
C ARG B 44 36.41 -0.37 -32.75
N ARG B 45 36.54 0.89 -32.35
CA ARG B 45 35.73 1.44 -31.26
C ARG B 45 34.24 1.29 -31.60
N PHE B 46 33.46 0.82 -30.63
CA PHE B 46 31.99 0.64 -30.75
C PHE B 46 31.60 -0.62 -31.53
N LEU B 47 32.58 -1.34 -32.08
CA LEU B 47 32.29 -2.52 -32.89
C LEU B 47 32.36 -3.80 -32.04
N PRO B 48 31.66 -4.86 -32.48
CA PRO B 48 31.75 -6.17 -31.82
C PRO B 48 33.18 -6.67 -31.75
N PRO B 49 33.51 -7.45 -30.71
CA PRO B 49 34.89 -7.94 -30.58
C PRO B 49 35.25 -8.97 -31.67
N GLU B 50 36.48 -8.89 -32.18
CA GLU B 50 36.97 -9.91 -33.10
C GLU B 50 37.84 -10.85 -32.26
N PRO B 51 37.74 -12.16 -32.51
CA PRO B 51 38.63 -13.09 -31.83
C PRO B 51 40.12 -12.73 -32.00
N LYS B 52 40.89 -12.93 -30.94
CA LYS B 52 42.33 -12.72 -30.94
C LYS B 52 43.02 -13.62 -31.97
N GLN B 53 43.82 -13.03 -32.86
CA GLN B 53 44.60 -13.81 -33.83
C GLN B 53 45.72 -14.65 -33.18
N PRO B 54 45.99 -15.84 -33.72
CA PRO B 54 47.04 -16.70 -33.16
C PRO B 54 48.42 -16.02 -33.17
N TRP B 55 49.27 -16.36 -32.23
CA TRP B 55 50.58 -15.73 -32.09
C TRP B 55 51.71 -16.77 -32.05
N SER B 56 52.91 -16.36 -32.45
CA SER B 56 54.07 -17.24 -32.36
C SER B 56 54.81 -16.91 -31.07
N GLY B 57 55.59 -17.85 -30.56
CA GLY B 57 56.32 -17.63 -29.31
C GLY B 57 55.41 -17.76 -28.09
N VAL B 58 55.86 -17.20 -26.97
CA VAL B 58 55.19 -17.36 -25.70
C VAL B 58 54.74 -16.00 -25.13
N VAL B 59 53.44 -15.89 -24.84
CA VAL B 59 52.86 -14.71 -24.20
C VAL B 59 52.95 -14.85 -22.68
N ASP B 60 53.52 -13.85 -22.01
CA ASP B 60 53.59 -13.86 -20.55
C ASP B 60 52.24 -13.40 -19.97
N ALA B 61 51.49 -14.35 -19.42
CA ALA B 61 50.26 -14.06 -18.67
C ALA B 61 50.59 -13.95 -17.20
N THR B 62 51.30 -12.89 -16.81
CA THR B 62 51.89 -12.86 -15.50
C THR B 62 51.45 -11.67 -14.65
N THR B 63 50.59 -10.82 -15.20
CA THR B 63 49.99 -9.74 -14.39
C THR B 63 48.69 -9.28 -15.06
N PHE B 64 47.80 -8.66 -14.28
CA PHE B 64 46.57 -8.10 -14.82
C PHE B 64 46.89 -7.05 -15.91
N GLN B 65 46.13 -7.09 -17.00
CA GLN B 65 46.14 -6.04 -18.01
C GLN B 65 45.33 -4.82 -17.63
N SER B 66 45.37 -3.81 -18.49
CA SER B 66 44.76 -2.50 -18.26
C SER B 66 43.26 -2.57 -17.99
N VAL B 67 42.74 -1.57 -17.28
CA VAL B 67 41.33 -1.42 -17.03
C VAL B 67 40.63 -0.76 -18.24
N CYS B 68 39.47 -1.27 -18.69
CA CYS B 68 38.76 -0.61 -19.79
C CYS B 68 38.43 0.85 -19.43
N TYR B 69 38.52 1.75 -20.40
CA TYR B 69 38.31 3.18 -20.11
C TYR B 69 36.99 3.46 -19.38
N GLN B 70 37.07 4.28 -18.33
CA GLN B 70 35.90 4.51 -17.49
C GLN B 70 36.04 5.73 -16.60
N TYR B 71 34.89 6.25 -16.19
CA TYR B 71 34.81 7.29 -15.20
C TYR B 71 35.43 6.83 -13.86
N VAL B 72 36.12 7.76 -13.19
CA VAL B 72 36.76 7.48 -11.91
C VAL B 72 36.08 8.30 -10.82
N ASP B 73 35.62 7.61 -9.78
CA ASP B 73 34.89 8.21 -8.66
C ASP B 73 35.82 9.12 -7.85
N THR B 74 35.38 10.35 -7.62
CA THR B 74 36.13 11.31 -6.83
C THR B 74 35.31 11.95 -5.69
N LEU B 75 34.09 11.46 -5.48
CA LEU B 75 33.19 11.98 -4.43
C LEU B 75 33.83 12.07 -3.03
N TYR B 76 34.69 11.09 -2.72
CA TYR B 76 35.43 11.08 -1.45
C TYR B 76 36.88 10.67 -1.67
N PRO B 77 37.71 11.61 -2.12
CA PRO B 77 39.11 11.32 -2.49
C PRO B 77 39.92 10.66 -1.37
N GLY B 78 40.58 9.55 -1.65
CA GLY B 78 41.37 8.84 -0.65
C GLY B 78 40.58 7.93 0.29
N PHE B 79 39.25 8.01 0.27
CA PHE B 79 38.42 7.14 1.11
C PHE B 79 38.44 5.68 0.62
N GLU B 80 38.77 4.76 1.51
CA GLU B 80 38.82 3.34 1.20
C GLU B 80 37.54 2.78 0.58
N GLY B 81 36.39 3.13 1.17
CA GLY B 81 35.10 2.65 0.68
C GLY B 81 34.79 2.94 -0.78
N THR B 82 35.35 4.00 -1.33
CA THR B 82 35.18 4.27 -2.75
C THR B 82 36.40 3.85 -3.60
N GLU B 83 37.61 4.02 -3.06
CA GLU B 83 38.80 3.72 -3.87
C GLU B 83 38.92 2.23 -4.21
N MET B 84 38.31 1.38 -3.39
CA MET B 84 38.38 -0.07 -3.59
C MET B 84 37.71 -0.51 -4.89
N TRP B 85 36.83 0.36 -5.41
CA TRP B 85 36.11 0.08 -6.65
C TRP B 85 36.78 0.77 -7.86
N ASN B 86 37.73 1.66 -7.58
CA ASN B 86 38.39 2.43 -8.64
C ASN B 86 39.45 1.63 -9.39
N PRO B 87 39.78 2.04 -10.62
CA PRO B 87 40.77 1.30 -11.42
C PRO B 87 42.12 1.15 -10.72
N ASN B 88 42.67 -0.05 -10.76
CA ASN B 88 43.99 -0.28 -10.19
C ASN B 88 45.05 -0.67 -11.22
N ARG B 89 44.74 -0.44 -12.50
CA ARG B 89 45.73 -0.41 -13.57
C ARG B 89 45.42 0.81 -14.43
N GLU B 90 46.32 1.15 -15.33
CA GLU B 90 46.11 2.30 -16.19
C GLU B 90 44.89 2.06 -17.07
N LEU B 91 44.22 3.16 -17.44
CA LEU B 91 43.09 3.08 -18.35
C LEU B 91 43.53 2.88 -19.80
N SER B 92 42.86 2.00 -20.52
CA SER B 92 43.13 1.85 -21.93
C SER B 92 41.92 1.26 -22.67
N GLU B 93 41.77 1.59 -23.95
CA GLU B 93 40.80 0.89 -24.79
C GLU B 93 41.30 -0.51 -25.15
N ASP B 94 42.62 -0.70 -25.04
CA ASP B 94 43.25 -2.01 -25.20
C ASP B 94 43.07 -2.78 -23.88
N CYS B 95 41.89 -3.38 -23.68
CA CYS B 95 41.56 -3.95 -22.37
C CYS B 95 40.90 -5.33 -22.38
N LEU B 96 40.81 -5.95 -23.54
CA LEU B 96 40.06 -7.20 -23.63
C LEU B 96 40.95 -8.42 -23.33
N TYR B 97 41.19 -8.64 -22.03
CA TYR B 97 42.00 -9.76 -21.55
C TYR B 97 41.21 -10.52 -20.47
N LEU B 98 41.52 -11.81 -20.28
CA LEU B 98 40.91 -12.59 -19.21
C LEU B 98 41.96 -13.30 -18.35
N ASN B 99 41.51 -13.86 -17.23
CA ASN B 99 42.37 -14.46 -16.22
C ASN B 99 41.90 -15.84 -15.86
N VAL B 100 42.83 -16.79 -15.73
CA VAL B 100 42.53 -18.13 -15.22
C VAL B 100 43.33 -18.46 -13.94
N TRP B 101 42.64 -18.88 -12.87
CA TRP B 101 43.35 -19.45 -11.74
C TRP B 101 43.07 -20.96 -11.65
N THR B 102 44.11 -21.75 -11.36
CA THR B 102 43.97 -23.20 -11.30
C THR B 102 44.83 -23.78 -10.17
N PRO B 103 44.42 -24.92 -9.58
CA PRO B 103 45.25 -25.56 -8.55
C PRO B 103 46.65 -25.94 -9.04
N TYR B 104 47.60 -26.02 -8.11
CA TYR B 104 48.99 -26.39 -8.39
C TYR B 104 49.32 -27.59 -7.50
N PRO B 105 49.59 -28.77 -8.10
CA PRO B 105 49.71 -29.03 -9.53
C PRO B 105 48.36 -29.03 -10.25
N ARG B 106 48.41 -28.93 -11.58
CA ARG B 106 47.21 -28.90 -12.39
C ARG B 106 46.36 -30.14 -12.14
N PRO B 107 45.04 -29.96 -12.05
CA PRO B 107 44.10 -31.08 -11.86
C PRO B 107 44.30 -32.20 -12.85
N THR B 108 44.16 -33.43 -12.37
CA THR B 108 44.34 -34.61 -13.21
C THR B 108 43.05 -34.99 -13.94
N SER B 109 41.91 -34.79 -13.28
CA SER B 109 40.61 -35.01 -13.90
C SER B 109 39.85 -33.68 -14.05
N PRO B 110 38.94 -33.58 -15.03
CA PRO B 110 38.23 -32.31 -15.29
C PRO B 110 37.58 -31.69 -14.06
N THR B 111 37.85 -30.41 -13.85
CA THR B 111 37.46 -29.67 -12.64
C THR B 111 36.41 -28.60 -12.97
N PRO B 112 35.35 -28.51 -12.16
CA PRO B 112 34.27 -27.52 -12.40
C PRO B 112 34.80 -26.07 -12.42
N VAL B 113 34.20 -25.26 -13.29
CA VAL B 113 34.67 -23.89 -13.53
C VAL B 113 33.69 -22.81 -13.03
N LEU B 114 34.19 -21.88 -12.22
CA LEU B 114 33.47 -20.65 -11.89
C LEU B 114 33.93 -19.48 -12.78
N VAL B 115 33.00 -18.78 -13.43
CA VAL B 115 33.35 -17.59 -14.23
C VAL B 115 32.76 -16.30 -13.64
N TRP B 116 33.63 -15.40 -13.14
CA TRP B 116 33.20 -14.12 -12.55
C TRP B 116 32.93 -13.01 -13.56
N ILE B 117 31.81 -12.31 -13.40
CA ILE B 117 31.52 -11.12 -14.19
C ILE B 117 31.33 -9.93 -13.23
N TYR B 118 32.26 -8.97 -13.24
CA TYR B 118 32.14 -7.85 -12.29
C TYR B 118 30.99 -6.91 -12.61
N GLY B 119 30.56 -6.17 -11.58
CA GLY B 119 29.57 -5.12 -11.72
C GLY B 119 30.19 -3.73 -11.74
N GLY B 120 29.37 -2.71 -11.50
CA GLY B 120 29.80 -1.32 -11.63
C GLY B 120 28.92 -0.50 -12.58
N GLY B 121 27.65 -0.90 -12.67
CA GLY B 121 26.62 -0.14 -13.37
C GLY B 121 26.78 -0.05 -14.88
N PHE B 122 27.54 -0.98 -15.46
CA PHE B 122 27.87 -0.99 -16.86
C PHE B 122 28.75 0.21 -17.27
N TYR B 123 29.16 1.02 -16.31
CA TYR B 123 30.03 2.17 -16.57
C TYR B 123 31.45 2.06 -15.99
N SER B 124 31.70 1.03 -15.19
CA SER B 124 32.93 0.93 -14.40
C SER B 124 33.18 -0.52 -14.02
N GLY B 125 34.34 -0.76 -13.43
CA GLY B 125 34.69 -2.09 -12.93
C GLY B 125 35.88 -2.66 -13.66
N ALA B 126 36.45 -3.73 -13.08
CA ALA B 126 37.59 -4.41 -13.71
C ALA B 126 37.83 -5.77 -13.04
N SER B 127 38.40 -6.72 -13.78
CA SER B 127 38.68 -8.03 -13.16
C SER B 127 39.92 -8.03 -12.26
N SER B 128 40.63 -6.91 -12.27
CA SER B 128 41.87 -6.80 -11.51
C SER B 128 41.71 -6.33 -10.05
N LEU B 129 40.53 -5.86 -9.66
CA LEU B 129 40.34 -5.37 -8.28
C LEU B 129 40.70 -6.43 -7.23
N ASP B 130 41.39 -5.99 -6.17
CA ASP B 130 41.83 -6.87 -5.08
C ASP B 130 40.70 -7.74 -4.52
N VAL B 131 39.50 -7.17 -4.50
CA VAL B 131 38.35 -7.89 -3.94
C VAL B 131 37.88 -9.05 -4.84
N TYR B 132 38.34 -9.09 -6.10
CA TYR B 132 37.99 -10.21 -7.01
C TYR B 132 39.17 -11.18 -7.20
N ASP B 133 40.18 -11.11 -6.33
CA ASP B 133 41.36 -11.98 -6.39
C ASP B 133 40.90 -13.42 -6.26
N GLY B 134 41.08 -14.22 -7.31
CA GLY B 134 40.57 -15.58 -7.29
C GLY B 134 41.38 -16.65 -6.56
N ARG B 135 42.55 -16.29 -6.02
CA ARG B 135 43.45 -17.31 -5.46
C ARG B 135 42.85 -18.11 -4.27
N PHE B 136 42.05 -17.44 -3.44
CA PHE B 136 41.50 -18.11 -2.25
C PHE B 136 40.43 -19.16 -2.58
N LEU B 137 39.49 -18.82 -3.46
CA LEU B 137 38.49 -19.82 -3.87
C LEU B 137 39.14 -21.05 -4.47
N VAL B 138 40.11 -20.84 -5.35
CA VAL B 138 40.77 -21.96 -6.01
C VAL B 138 41.51 -22.87 -5.02
N GLN B 139 42.25 -22.25 -4.11
CA GLN B 139 42.97 -23.00 -3.11
C GLN B 139 41.98 -23.76 -2.20
N ALA B 140 41.01 -23.04 -1.66
CA ALA B 140 40.04 -23.65 -0.72
C ALA B 140 39.15 -24.72 -1.33
N GLU B 141 38.63 -24.47 -2.54
CA GLU B 141 37.59 -25.34 -3.08
C GLU B 141 37.99 -26.16 -4.31
N ARG B 142 39.20 -25.93 -4.80
CA ARG B 142 39.75 -26.66 -5.95
C ARG B 142 38.87 -26.62 -7.19
N THR B 143 38.35 -25.45 -7.52
CA THR B 143 37.70 -25.25 -8.81
C THR B 143 38.70 -24.51 -9.69
N VAL B 144 38.38 -24.34 -10.96
CA VAL B 144 39.07 -23.36 -11.80
C VAL B 144 38.24 -22.07 -11.71
N LEU B 145 38.91 -20.93 -11.68
CA LEU B 145 38.21 -19.64 -11.66
C LEU B 145 38.67 -18.83 -12.85
N VAL B 146 37.72 -18.35 -13.63
CA VAL B 146 38.00 -17.44 -14.76
C VAL B 146 37.30 -16.08 -14.53
N SER B 147 37.98 -14.99 -14.89
CA SER B 147 37.34 -13.67 -14.93
C SER B 147 37.80 -12.91 -16.16
N MET B 148 36.91 -12.09 -16.73
CA MET B 148 37.24 -11.35 -17.94
C MET B 148 36.99 -9.88 -17.77
N ASN B 149 37.74 -9.07 -18.51
CA ASN B 149 37.39 -7.66 -18.69
C ASN B 149 36.41 -7.50 -19.85
N TYR B 150 35.52 -6.52 -19.75
CA TYR B 150 34.59 -6.24 -20.84
C TYR B 150 34.42 -4.73 -20.88
N ARG B 151 34.18 -4.22 -22.09
CA ARG B 151 34.04 -2.77 -22.28
C ARG B 151 32.84 -2.23 -21.54
N VAL B 152 33.02 -1.05 -20.94
CA VAL B 152 31.96 -0.36 -20.24
C VAL B 152 31.75 1.04 -20.81
N GLY B 153 30.76 1.75 -20.27
CA GLY B 153 30.42 3.09 -20.72
C GLY B 153 30.06 3.18 -22.18
N ALA B 154 30.30 4.35 -22.78
CA ALA B 154 30.01 4.53 -24.18
C ALA B 154 30.77 3.50 -25.03
N PHE B 155 31.96 3.10 -24.59
CA PHE B 155 32.80 2.14 -25.34
C PHE B 155 32.17 0.76 -25.43
N GLY B 156 31.45 0.36 -24.39
CA GLY B 156 30.80 -0.92 -24.41
C GLY B 156 29.33 -0.90 -24.79
N PHE B 157 28.66 0.24 -24.61
CA PHE B 157 27.19 0.26 -24.63
C PHE B 157 26.53 1.45 -25.33
N LEU B 158 27.32 2.33 -25.95
CA LEU B 158 26.70 3.36 -26.77
C LEU B 158 26.07 2.64 -27.96
N ALA B 159 24.83 3.03 -28.29
CA ALA B 159 24.05 2.37 -29.33
C ALA B 159 23.33 3.37 -30.23
N LEU B 160 23.51 3.23 -31.54
CA LEU B 160 22.64 3.89 -32.50
C LEU B 160 21.91 2.75 -33.20
N PRO B 161 20.76 2.33 -32.66
CA PRO B 161 20.14 1.08 -33.10
C PRO B 161 19.84 1.04 -34.62
N GLY B 162 20.12 -0.09 -35.24
CA GLY B 162 20.01 -0.20 -36.68
C GLY B 162 21.34 -0.09 -37.42
N SER B 163 22.24 0.75 -36.91
CA SER B 163 23.53 0.99 -37.59
C SER B 163 24.51 -0.16 -37.40
N ARG B 164 25.37 -0.38 -38.38
CA ARG B 164 26.40 -1.41 -38.26
C ARG B 164 27.61 -0.89 -37.49
N GLU B 165 27.74 0.42 -37.41
CA GLU B 165 28.93 1.07 -36.86
C GLU B 165 28.86 1.30 -35.34
N ALA B 166 27.67 1.25 -34.77
CA ALA B 166 27.55 1.31 -33.33
C ALA B 166 26.25 0.65 -32.91
N PRO B 167 26.19 -0.69 -33.02
CA PRO B 167 24.96 -1.47 -32.86
C PRO B 167 24.51 -1.58 -31.40
N GLY B 168 25.41 -1.32 -30.46
CA GLY B 168 25.12 -1.41 -29.03
C GLY B 168 25.45 -2.79 -28.51
N ASN B 169 25.32 -2.98 -27.20
CA ASN B 169 25.61 -4.26 -26.56
C ASN B 169 27.00 -4.92 -26.80
N VAL B 170 27.99 -4.17 -27.28
CA VAL B 170 29.28 -4.83 -27.56
C VAL B 170 30.00 -5.31 -26.29
N GLY B 171 29.71 -4.69 -25.14
CA GLY B 171 30.20 -5.19 -23.87
C GLY B 171 29.70 -6.59 -23.50
N LEU B 172 28.45 -6.88 -23.83
CA LEU B 172 27.91 -8.22 -23.58
C LEU B 172 28.54 -9.21 -24.55
N LEU B 173 28.79 -8.77 -25.79
CA LEU B 173 29.53 -9.60 -26.75
C LEU B 173 30.98 -9.87 -26.30
N ASP B 174 31.61 -8.91 -25.62
CA ASP B 174 32.93 -9.14 -25.02
C ASP B 174 32.85 -10.29 -24.04
N GLN B 175 31.81 -10.24 -23.18
CA GLN B 175 31.59 -11.29 -22.21
C GLN B 175 31.35 -12.63 -22.87
N ARG B 176 30.50 -12.66 -23.89
CA ARG B 176 30.20 -13.89 -24.62
C ARG B 176 31.42 -14.50 -25.31
N LEU B 177 32.23 -13.65 -25.95
CA LEU B 177 33.47 -14.12 -26.59
C LEU B 177 34.37 -14.84 -25.56
N ALA B 178 34.47 -14.28 -24.35
CA ALA B 178 35.27 -14.91 -23.30
C ALA B 178 34.72 -16.26 -22.88
N LEU B 179 33.39 -16.37 -22.85
CA LEU B 179 32.72 -17.64 -22.48
C LEU B 179 32.96 -18.68 -23.57
N GLN B 180 32.91 -18.26 -24.84
CA GLN B 180 33.36 -19.13 -25.95
C GLN B 180 34.82 -19.56 -25.83
N TRP B 181 35.66 -18.63 -25.36
CA TRP B 181 37.06 -18.94 -25.08
C TRP B 181 37.18 -20.01 -23.98
N VAL B 182 36.35 -19.92 -22.95
CA VAL B 182 36.38 -20.91 -21.86
C VAL B 182 35.97 -22.29 -22.38
N GLN B 183 34.93 -22.34 -23.20
CA GLN B 183 34.55 -23.59 -23.84
C GLN B 183 35.72 -24.19 -24.65
N GLU B 184 36.36 -23.37 -25.47
CA GLU B 184 37.43 -23.90 -26.34
C GLU B 184 38.74 -24.25 -25.63
N ASN B 185 39.05 -23.58 -24.51
CA ASN B 185 40.41 -23.67 -23.94
C ASN B 185 40.55 -24.07 -22.48
N VAL B 186 39.45 -24.14 -21.73
CA VAL B 186 39.59 -24.29 -20.28
C VAL B 186 40.11 -25.68 -19.92
N ALA B 187 39.92 -26.64 -20.81
CA ALA B 187 40.38 -28.00 -20.56
C ALA B 187 41.90 -28.07 -20.50
N ALA B 188 42.57 -27.12 -21.16
CA ALA B 188 44.04 -27.07 -21.12
C ALA B 188 44.54 -26.73 -19.72
N PHE B 189 43.70 -26.10 -18.91
CA PHE B 189 44.08 -25.73 -17.55
C PHE B 189 43.58 -26.77 -16.54
N GLY B 190 42.93 -27.81 -17.05
CA GLY B 190 42.37 -28.84 -16.19
C GLY B 190 40.88 -28.66 -15.90
N GLY B 191 40.29 -27.64 -16.51
CA GLY B 191 38.90 -27.30 -16.27
C GLY B 191 37.93 -28.13 -17.09
N ASP B 192 36.70 -28.25 -16.60
CA ASP B 192 35.66 -29.02 -17.28
C ASP B 192 34.68 -28.11 -17.97
N PRO B 193 34.75 -28.04 -19.30
CA PRO B 193 33.83 -27.20 -20.09
C PRO B 193 32.37 -27.64 -20.01
N THR B 194 32.10 -28.82 -19.46
CA THR B 194 30.73 -29.30 -19.30
C THR B 194 30.17 -28.90 -17.94
N SER B 195 31.02 -28.33 -17.07
CA SER B 195 30.57 -27.82 -15.78
C SER B 195 31.00 -26.35 -15.55
N VAL B 196 30.28 -25.43 -16.17
CA VAL B 196 30.63 -24.02 -16.07
C VAL B 196 29.53 -23.23 -15.39
N THR B 197 29.87 -22.56 -14.29
CA THR B 197 28.94 -21.77 -13.51
C THR B 197 29.27 -20.28 -13.52
N LEU B 198 28.38 -19.47 -14.07
CA LEU B 198 28.58 -18.02 -14.10
C LEU B 198 28.21 -17.40 -12.77
N PHE B 199 29.02 -16.48 -12.27
CA PHE B 199 28.57 -15.67 -11.15
C PHE B 199 28.94 -14.20 -11.30
N GLY B 200 28.09 -13.33 -10.77
CA GLY B 200 28.26 -11.91 -10.94
C GLY B 200 27.49 -11.12 -9.92
N GLU B 201 27.91 -9.87 -9.71
CA GLU B 201 27.26 -9.02 -8.73
C GLU B 201 26.85 -7.69 -9.37
N SER B 202 25.74 -7.10 -8.91
CA SER B 202 25.14 -5.88 -9.51
C SER B 202 25.02 -5.96 -11.04
N ALA B 203 25.71 -5.07 -11.76
CA ALA B 203 25.66 -5.12 -13.22
C ALA B 203 26.15 -6.46 -13.79
N GLY B 204 27.05 -7.12 -13.07
CA GLY B 204 27.54 -8.44 -13.45
C GLY B 204 26.48 -9.53 -13.27
N ALA B 205 25.65 -9.38 -12.23
CA ALA B 205 24.52 -10.25 -12.01
C ALA B 205 23.47 -10.04 -13.11
N ALA B 206 23.20 -8.78 -13.42
CA ALA B 206 22.30 -8.49 -14.55
C ALA B 206 22.85 -9.05 -15.87
N SER B 207 24.18 -9.01 -16.07
CA SER B 207 24.78 -9.61 -17.26
C SER B 207 24.54 -11.11 -17.29
N VAL B 208 24.82 -11.76 -16.16
CA VAL B 208 24.55 -13.21 -16.06
C VAL B 208 23.12 -13.52 -16.48
N GLY B 209 22.17 -12.72 -15.99
CA GLY B 209 20.75 -12.92 -16.32
C GLY B 209 20.46 -12.76 -17.81
N MET B 210 21.15 -11.81 -18.43
CA MET B 210 21.05 -11.64 -19.88
C MET B 210 21.63 -12.82 -20.67
N HIS B 211 22.74 -13.41 -20.21
CA HIS B 211 23.23 -14.61 -20.90
C HIS B 211 22.23 -15.77 -20.79
N LEU B 212 21.54 -15.87 -19.64
CA LEU B 212 20.41 -16.80 -19.49
C LEU B 212 19.30 -16.58 -20.53
N LEU B 213 19.04 -15.33 -20.90
CA LEU B 213 17.89 -15.02 -21.76
C LEU B 213 18.24 -14.84 -23.23
N SER B 214 19.47 -15.19 -23.60
CA SER B 214 19.97 -15.03 -24.97
C SER B 214 20.48 -16.38 -25.46
N PRO B 215 19.73 -17.03 -26.37
CA PRO B 215 20.06 -18.41 -26.79
C PRO B 215 21.53 -18.65 -27.18
N PRO B 216 22.19 -17.74 -27.93
CA PRO B 216 23.58 -18.08 -28.25
C PRO B 216 24.52 -18.06 -27.03
N SER B 217 24.16 -17.40 -25.92
CA SER B 217 24.97 -17.49 -24.71
C SER B 217 24.66 -18.75 -23.91
N ARG B 218 23.39 -19.14 -23.93
CA ARG B 218 22.85 -20.16 -23.04
C ARG B 218 23.55 -21.52 -23.17
N GLY B 219 24.03 -21.84 -24.36
CA GLY B 219 24.78 -23.08 -24.57
C GLY B 219 26.19 -23.08 -23.99
N LEU B 220 26.67 -21.92 -23.52
CA LEU B 220 28.05 -21.84 -23.05
C LEU B 220 28.21 -22.05 -21.53
N PHE B 221 27.10 -22.22 -20.82
CA PHE B 221 27.21 -22.50 -19.38
C PHE B 221 26.03 -23.34 -18.89
N HIS B 222 26.10 -23.75 -17.62
CA HIS B 222 25.15 -24.71 -17.06
C HIS B 222 24.40 -24.22 -15.84
N ARG B 223 25.03 -23.38 -15.02
CA ARG B 223 24.39 -22.84 -13.83
C ARG B 223 24.71 -21.35 -13.67
N ALA B 224 23.97 -20.70 -12.78
CA ALA B 224 24.07 -19.26 -12.65
C ALA B 224 23.89 -18.77 -11.24
N VAL B 225 24.66 -17.75 -10.87
CA VAL B 225 24.55 -17.09 -9.57
C VAL B 225 24.39 -15.58 -9.78
N LEU B 226 23.35 -15.01 -9.19
CA LEU B 226 23.10 -13.57 -9.38
C LEU B 226 23.10 -12.87 -8.03
N GLN B 227 24.14 -12.08 -7.78
CA GLN B 227 24.26 -11.39 -6.51
C GLN B 227 23.83 -9.93 -6.65
N SER B 228 22.77 -9.54 -5.92
CA SER B 228 22.26 -8.14 -5.89
C SER B 228 22.06 -7.48 -7.27
N GLY B 229 21.45 -8.21 -8.20
CA GLY B 229 21.11 -7.62 -9.47
C GLY B 229 20.36 -8.61 -10.33
N ALA B 230 19.73 -8.10 -11.38
CA ALA B 230 18.82 -8.86 -12.22
C ALA B 230 18.68 -8.15 -13.56
N PRO B 231 18.53 -8.92 -14.66
CA PRO B 231 18.48 -8.30 -15.97
C PRO B 231 17.23 -7.45 -16.14
N ASN B 232 16.17 -7.74 -15.36
CA ASN B 232 14.94 -6.96 -15.36
C ASN B 232 14.93 -5.73 -14.44
N GLY B 233 16.05 -5.41 -13.80
CA GLY B 233 16.13 -4.14 -13.07
C GLY B 233 15.94 -2.92 -13.98
N PRO B 234 15.21 -1.88 -13.48
CA PRO B 234 14.90 -0.68 -14.27
C PRO B 234 16.11 0.18 -14.69
N TRP B 235 17.31 -0.12 -14.18
CA TRP B 235 18.54 0.57 -14.57
C TRP B 235 19.34 -0.25 -15.59
N ALA B 236 18.92 -1.50 -15.81
CA ALA B 236 19.77 -2.48 -16.48
C ALA B 236 19.67 -2.48 -18.00
N THR B 237 18.54 -2.05 -18.54
CA THR B 237 18.37 -2.00 -19.98
C THR B 237 17.73 -0.69 -20.33
N VAL B 238 17.80 -0.33 -21.60
CA VAL B 238 17.18 0.89 -22.09
C VAL B 238 16.52 0.55 -23.42
N GLY B 239 15.44 1.25 -23.79
CA GLY B 239 14.80 1.06 -25.09
C GLY B 239 15.63 1.68 -26.23
N MET B 240 15.27 1.36 -27.48
CA MET B 240 16.04 1.83 -28.64
C MET B 240 16.05 3.35 -28.80
N GLY B 241 14.89 3.96 -28.58
CA GLY B 241 14.74 5.39 -28.75
C GLY B 241 15.54 6.18 -27.74
N GLU B 242 15.50 5.74 -26.49
CA GLU B 242 16.27 6.39 -25.43
C GLU B 242 17.79 6.18 -25.60
N ALA B 243 18.20 5.00 -26.07
CA ALA B 243 19.62 4.77 -26.35
C ALA B 243 20.10 5.67 -27.49
N ARG B 244 19.25 5.83 -28.51
CA ARG B 244 19.57 6.74 -29.59
C ARG B 244 19.67 8.17 -29.09
N ARG B 245 18.74 8.56 -28.22
CA ARG B 245 18.73 9.93 -27.74
C ARG B 245 20.01 10.23 -26.96
N ARG B 246 20.41 9.29 -26.10
CA ARG B 246 21.60 9.44 -25.26
C ARG B 246 22.91 9.47 -26.10
N ALA B 247 23.00 8.60 -27.10
CA ALA B 247 24.15 8.55 -27.99
C ALA B 247 24.26 9.87 -28.76
N THR B 248 23.11 10.32 -29.26
CA THR B 248 23.05 11.54 -30.06
C THR B 248 23.44 12.77 -29.24
N GLN B 249 23.00 12.82 -27.98
N GLN B 249 23.01 12.82 -27.98
CA GLN B 249 23.37 13.94 -27.11
CA GLN B 249 23.37 13.94 -27.12
C GLN B 249 24.87 13.94 -26.79
C GLN B 249 24.86 13.94 -26.76
N LEU B 250 25.43 12.76 -26.54
CA LEU B 250 26.85 12.63 -26.27
C LEU B 250 27.63 13.18 -27.45
N ALA B 251 27.33 12.68 -28.65
CA ALA B 251 27.95 13.18 -29.87
C ALA B 251 27.83 14.70 -29.98
N HIS B 252 26.64 15.21 -29.74
CA HIS B 252 26.40 16.65 -29.79
C HIS B 252 27.32 17.40 -28.80
N LEU B 253 27.43 16.89 -27.58
CA LEU B 253 28.22 17.55 -26.55
C LEU B 253 29.74 17.51 -26.83
N VAL B 254 30.18 16.70 -27.78
CA VAL B 254 31.60 16.65 -28.09
C VAL B 254 31.89 17.08 -29.53
N GLY B 255 30.94 17.78 -30.14
CA GLY B 255 31.14 18.39 -31.45
C GLY B 255 30.77 17.57 -32.67
N CYS B 256 29.97 16.54 -32.48
CA CYS B 256 29.60 15.68 -33.60
C CYS B 256 28.08 15.65 -33.77
N PRO B 257 27.59 15.85 -35.01
CA PRO B 257 28.42 16.22 -36.16
C PRO B 257 28.66 17.72 -36.11
N PRO B 258 29.72 18.19 -36.80
CA PRO B 258 30.05 19.62 -36.84
C PRO B 258 28.89 20.44 -37.38
N THR B 261 23.63 17.83 -34.62
CA THR B 261 22.79 16.78 -34.02
C THR B 261 22.31 15.76 -35.07
N GLY B 262 22.44 14.48 -34.76
CA GLY B 262 21.93 13.42 -35.61
C GLY B 262 22.59 13.38 -36.96
N GLY B 263 21.80 13.13 -38.01
CA GLY B 263 22.32 12.98 -39.36
C GLY B 263 22.64 11.53 -39.69
N ASN B 264 23.48 11.34 -40.72
CA ASN B 264 24.00 10.03 -41.11
C ASN B 264 24.66 9.32 -39.90
N ASP B 265 24.21 8.10 -39.58
CA ASP B 265 24.84 7.33 -38.51
C ASP B 265 26.35 7.09 -38.77
N THR B 266 26.68 6.64 -39.99
CA THR B 266 28.07 6.38 -40.38
C THR B 266 28.98 7.58 -40.11
N GLU B 267 28.52 8.78 -40.49
CA GLU B 267 29.27 10.00 -40.25
C GLU B 267 29.38 10.34 -38.78
N LEU B 268 28.30 10.17 -38.03
CA LEU B 268 28.31 10.54 -36.62
C LEU B 268 29.30 9.66 -35.85
N VAL B 269 29.29 8.37 -36.15
CA VAL B 269 30.18 7.44 -35.48
C VAL B 269 31.64 7.70 -35.89
N ALA B 270 31.87 8.01 -37.17
CA ALA B 270 33.26 8.25 -37.59
C ALA B 270 33.84 9.45 -36.86
N CYS B 271 33.01 10.48 -36.65
CA CYS B 271 33.42 11.64 -35.85
C CYS B 271 33.65 11.29 -34.36
N LEU B 272 32.79 10.46 -33.77
CA LEU B 272 32.98 10.04 -32.39
C LEU B 272 34.31 9.29 -32.22
N ARG B 273 34.66 8.48 -33.21
CA ARG B 273 35.90 7.70 -33.20
C ARG B 273 37.18 8.53 -33.22
N THR B 274 37.07 9.81 -33.59
CA THR B 274 38.23 10.71 -33.61
C THR B 274 38.42 11.38 -32.26
N ARG B 275 37.46 11.23 -31.35
CA ARG B 275 37.58 11.88 -30.04
C ARG B 275 38.44 11.04 -29.08
N PRO B 276 39.31 11.71 -28.30
CA PRO B 276 40.06 10.95 -27.30
C PRO B 276 39.09 10.29 -26.29
N ALA B 277 39.40 9.08 -25.84
CA ALA B 277 38.58 8.34 -24.87
C ALA B 277 38.14 9.19 -23.71
N GLN B 278 39.09 9.91 -23.11
CA GLN B 278 38.77 10.73 -21.94
C GLN B 278 37.73 11.81 -22.22
N VAL B 279 37.70 12.32 -23.45
CA VAL B 279 36.72 13.35 -23.80
C VAL B 279 35.31 12.77 -23.73
N LEU B 280 35.14 11.54 -24.21
CA LEU B 280 33.82 10.91 -24.11
C LEU B 280 33.45 10.67 -22.64
N VAL B 281 34.39 10.15 -21.85
CA VAL B 281 34.18 9.90 -20.43
C VAL B 281 33.79 11.15 -19.64
N ASN B 282 34.38 12.29 -19.97
CA ASN B 282 34.06 13.53 -19.24
C ASN B 282 32.65 14.07 -19.48
N HIS B 283 31.97 13.54 -20.50
CA HIS B 283 30.61 14.00 -20.83
C HIS B 283 29.53 12.92 -20.54
N GLU B 284 29.96 11.77 -20.04
CA GLU B 284 29.11 10.60 -19.91
C GLU B 284 27.84 10.89 -19.11
N TRP B 285 28.00 11.45 -17.93
CA TRP B 285 26.88 11.67 -17.01
C TRP B 285 25.87 12.71 -17.48
N HIS B 286 26.26 13.55 -18.42
CA HIS B 286 25.43 14.66 -18.89
C HIS B 286 24.28 14.21 -19.80
N VAL B 287 24.30 12.97 -20.27
CA VAL B 287 23.21 12.54 -21.14
C VAL B 287 21.99 11.95 -20.43
N LEU B 288 22.03 11.83 -19.10
CA LEU B 288 20.89 11.28 -18.38
C LEU B 288 19.76 12.31 -18.37
N PRO B 289 18.50 11.86 -18.53
CA PRO B 289 17.39 12.80 -18.71
C PRO B 289 17.02 13.61 -17.45
N GLN B 290 17.38 13.15 -16.27
CA GLN B 290 17.10 13.90 -15.05
C GLN B 290 18.08 13.52 -13.96
N GLU B 291 18.13 14.32 -12.89
CA GLU B 291 19.00 13.99 -11.77
C GLU B 291 18.45 12.75 -11.08
N SER B 292 19.32 11.85 -10.69
CA SER B 292 18.87 10.54 -10.23
C SER B 292 19.96 9.85 -9.43
N VAL B 293 19.62 8.74 -8.79
CA VAL B 293 20.62 7.79 -8.28
C VAL B 293 20.28 6.43 -8.87
N PHE B 294 21.28 5.54 -8.93
CA PHE B 294 21.09 4.21 -9.51
C PHE B 294 20.63 4.24 -10.96
N ARG B 295 21.12 5.21 -11.74
CA ARG B 295 20.88 5.25 -13.18
C ARG B 295 22.20 5.53 -13.89
N PHE B 296 22.41 4.84 -15.00
CA PHE B 296 23.68 4.88 -15.72
C PHE B 296 23.41 5.12 -17.21
N SER B 297 24.25 5.93 -17.83
CA SER B 297 24.00 6.45 -19.17
C SER B 297 23.96 5.38 -20.25
N PHE B 298 24.97 4.52 -20.30
CA PHE B 298 25.11 3.56 -21.39
C PHE B 298 25.02 2.11 -20.90
N VAL B 299 23.89 1.47 -21.20
CA VAL B 299 23.61 0.14 -20.69
C VAL B 299 23.06 -0.72 -21.82
N PRO B 300 22.93 -2.05 -21.60
CA PRO B 300 22.37 -2.87 -22.68
C PRO B 300 21.04 -2.35 -23.25
N VAL B 301 20.89 -2.45 -24.57
CA VAL B 301 19.70 -1.95 -25.25
C VAL B 301 18.85 -3.15 -25.72
N VAL B 302 17.53 -3.04 -25.55
CA VAL B 302 16.61 -4.04 -26.10
C VAL B 302 16.31 -3.73 -27.58
N ASP B 303 16.90 -4.48 -28.51
CA ASP B 303 16.72 -4.16 -29.93
C ASP B 303 16.34 -5.39 -30.77
N GLY B 304 15.97 -6.48 -30.11
CA GLY B 304 15.57 -7.68 -30.81
C GLY B 304 16.73 -8.62 -31.11
N ASP B 305 17.95 -8.13 -30.96
CA ASP B 305 19.12 -8.93 -31.36
C ASP B 305 19.68 -9.78 -30.19
N PHE B 306 20.49 -9.18 -29.33
CA PHE B 306 20.94 -9.89 -28.14
C PHE B 306 19.76 -10.27 -27.24
N LEU B 307 18.88 -9.30 -26.97
CA LEU B 307 17.65 -9.52 -26.22
C LEU B 307 16.49 -9.36 -27.20
N SER B 308 15.83 -10.47 -27.55
CA SER B 308 14.71 -10.43 -28.49
C SER B 308 13.47 -9.70 -27.95
N ASP B 309 13.37 -9.58 -26.63
CA ASP B 309 12.31 -8.82 -25.98
C ASP B 309 12.87 -8.34 -24.63
N THR B 310 12.08 -7.54 -23.89
CA THR B 310 12.51 -7.05 -22.58
C THR B 310 12.85 -8.25 -21.70
N PRO B 311 13.78 -8.07 -20.76
CA PRO B 311 14.11 -9.18 -19.86
C PRO B 311 12.86 -9.65 -19.08
N GLU B 312 12.04 -8.69 -18.70
CA GLU B 312 10.79 -8.99 -18.01
C GLU B 312 9.95 -10.01 -18.80
N ALA B 313 9.54 -9.64 -20.02
CA ALA B 313 8.85 -10.55 -20.93
C ALA B 313 9.55 -11.90 -21.17
N LEU B 314 10.87 -11.91 -21.31
CA LEU B 314 11.60 -13.15 -21.57
C LEU B 314 11.58 -14.09 -20.36
N ILE B 315 11.67 -13.50 -19.18
CA ILE B 315 11.54 -14.26 -17.95
C ILE B 315 10.13 -14.87 -17.85
N ASN B 316 9.11 -14.05 -18.02
CA ASN B 316 7.71 -14.51 -17.90
C ASN B 316 7.37 -15.66 -18.84
N ALA B 317 8.00 -15.68 -20.00
CA ALA B 317 7.62 -16.57 -21.09
C ALA B 317 8.63 -17.66 -21.38
N GLY B 318 9.46 -18.02 -20.41
CA GLY B 318 10.52 -18.97 -20.66
C GLY B 318 10.33 -20.31 -19.96
N ASP B 319 10.95 -21.34 -20.53
CA ASP B 319 10.97 -22.65 -19.92
C ASP B 319 12.36 -22.81 -19.29
N PHE B 320 12.41 -23.02 -17.99
CA PHE B 320 13.67 -23.07 -17.28
C PHE B 320 13.92 -24.42 -16.63
N HIS B 321 13.27 -25.46 -17.16
CA HIS B 321 13.57 -26.81 -16.71
C HIS B 321 15.02 -27.14 -17.06
N GLY B 322 15.73 -27.77 -16.12
CA GLY B 322 17.14 -28.07 -16.31
C GLY B 322 18.10 -27.03 -15.74
N LEU B 323 17.54 -25.96 -15.19
CA LEU B 323 18.37 -24.86 -14.69
C LEU B 323 18.42 -24.82 -13.17
N GLN B 324 19.63 -24.67 -12.62
CA GLN B 324 19.78 -24.34 -11.21
C GLN B 324 20.39 -22.95 -11.08
N VAL B 325 19.85 -22.18 -10.15
CA VAL B 325 20.24 -20.78 -9.96
C VAL B 325 20.31 -20.45 -8.49
N LEU B 326 21.31 -19.65 -8.13
CA LEU B 326 21.44 -19.15 -6.76
C LEU B 326 21.37 -17.62 -6.81
N VAL B 327 20.44 -17.03 -6.05
CA VAL B 327 20.22 -15.59 -6.09
C VAL B 327 20.16 -14.99 -4.69
N GLY B 328 20.41 -13.68 -4.59
CA GLY B 328 20.31 -13.04 -3.29
C GLY B 328 20.62 -11.57 -3.28
N VAL B 329 20.52 -10.97 -2.10
CA VAL B 329 20.70 -9.52 -1.93
C VAL B 329 21.45 -9.31 -0.63
N VAL B 330 22.01 -8.12 -0.42
CA VAL B 330 22.58 -7.78 0.87
C VAL B 330 21.46 -7.13 1.70
N LYS B 331 21.76 -6.87 2.97
CA LYS B 331 20.74 -6.40 3.91
C LYS B 331 20.28 -4.96 3.63
N ASP B 332 21.16 -4.11 3.12
CA ASP B 332 20.83 -2.71 2.86
C ASP B 332 21.20 -2.27 1.44
N GLU B 333 20.45 -2.77 0.46
CA GLU B 333 20.71 -2.49 -0.95
C GLU B 333 20.72 -1.00 -1.34
N GLY B 334 19.86 -0.20 -0.71
CA GLY B 334 19.72 1.19 -1.14
C GLY B 334 20.70 2.21 -0.58
N SER B 335 21.31 1.92 0.56
CA SER B 335 22.00 2.97 1.35
C SER B 335 23.19 3.64 0.64
N TYR B 336 24.05 2.84 0.01
CA TYR B 336 25.21 3.33 -0.73
C TYR B 336 24.82 4.38 -1.74
N PHE B 337 23.66 4.19 -2.36
CA PHE B 337 23.27 5.05 -3.49
C PHE B 337 22.79 6.44 -3.10
N LEU B 338 22.32 6.58 -1.86
CA LEU B 338 21.74 7.83 -1.37
C LEU B 338 22.74 8.99 -1.23
N VAL B 339 23.99 8.69 -0.93
CA VAL B 339 24.96 9.77 -0.77
C VAL B 339 25.48 10.31 -2.12
N TYR B 340 24.95 9.76 -3.21
CA TYR B 340 25.32 10.24 -4.53
C TYR B 340 24.27 11.13 -5.18
N GLY B 341 23.41 11.77 -4.37
CA GLY B 341 22.47 12.72 -4.93
C GLY B 341 21.15 12.98 -4.22
N ALA B 342 20.82 12.17 -3.22
CA ALA B 342 19.60 12.43 -2.45
C ALA B 342 19.83 13.53 -1.42
N PRO B 343 18.96 14.56 -1.43
CA PRO B 343 19.09 15.71 -0.53
C PRO B 343 19.21 15.30 0.92
N GLY B 344 20.17 15.88 1.63
CA GLY B 344 20.36 15.64 3.04
C GLY B 344 21.28 14.50 3.43
N PHE B 345 21.77 13.73 2.45
CA PHE B 345 22.57 12.54 2.76
C PHE B 345 24.07 12.77 2.67
N SER B 346 24.81 12.22 3.63
CA SER B 346 26.27 12.22 3.58
C SER B 346 26.82 11.01 4.31
N LYS B 347 27.97 10.51 3.88
CA LYS B 347 28.62 9.44 4.64
C LYS B 347 29.15 10.01 5.95
N ASP B 348 29.38 11.32 5.97
CA ASP B 348 30.02 11.96 7.12
C ASP B 348 29.09 12.55 8.18
N ASN B 349 27.78 12.38 8.02
CA ASN B 349 26.84 12.66 9.10
C ASN B 349 25.73 11.60 9.15
N GLU B 350 24.78 11.76 10.05
CA GLU B 350 23.77 10.74 10.28
C GLU B 350 22.69 10.68 9.20
N SER B 351 22.67 11.65 8.29
CA SER B 351 21.70 11.67 7.20
C SER B 351 20.25 11.59 7.72
N LEU B 352 19.99 12.29 8.82
CA LEU B 352 18.67 12.37 9.42
C LEU B 352 17.83 13.43 8.71
N ILE B 353 17.18 13.05 7.60
CA ILE B 353 16.54 14.00 6.69
C ILE B 353 15.14 14.46 7.14
N SER B 354 14.67 15.57 6.57
CA SER B 354 13.32 16.05 6.87
C SER B 354 12.30 15.37 5.94
N ARG B 355 11.03 15.66 6.19
CA ARG B 355 9.96 15.13 5.35
C ARG B 355 10.07 15.72 3.95
N ALA B 356 10.30 17.02 3.85
CA ALA B 356 10.46 17.66 2.55
C ALA B 356 11.62 17.05 1.75
N GLU B 357 12.71 16.74 2.45
CA GLU B 357 13.86 16.07 1.85
C GLU B 357 13.55 14.62 1.42
N PHE B 358 12.74 13.92 2.21
CA PHE B 358 12.26 12.60 1.82
C PHE B 358 11.48 12.68 0.50
N LEU B 359 10.51 13.59 0.44
CA LEU B 359 9.65 13.73 -0.74
C LEU B 359 10.47 14.07 -1.96
N ALA B 360 11.50 14.86 -1.77
CA ALA B 360 12.37 15.26 -2.87
C ALA B 360 13.22 14.08 -3.30
N GLY B 361 13.60 13.23 -2.35
CA GLY B 361 14.43 12.06 -2.63
C GLY B 361 13.68 11.00 -3.43
N VAL B 362 12.37 10.89 -3.19
CA VAL B 362 11.56 9.94 -3.91
C VAL B 362 11.63 10.15 -5.44
N ARG B 363 11.61 11.41 -5.88
CA ARG B 363 11.71 11.73 -7.31
C ARG B 363 13.12 11.46 -7.89
N VAL B 364 14.15 11.57 -7.05
CA VAL B 364 15.52 11.25 -7.45
C VAL B 364 15.72 9.74 -7.50
N GLY B 365 15.14 9.03 -6.52
CA GLY B 365 15.26 7.57 -6.40
C GLY B 365 14.37 6.78 -7.34
N VAL B 366 13.28 7.42 -7.78
CA VAL B 366 12.35 6.81 -8.72
C VAL B 366 12.15 7.81 -9.86
N PRO B 367 13.18 7.96 -10.72
CA PRO B 367 13.15 9.04 -11.71
C PRO B 367 12.22 8.74 -12.89
N GLN B 368 11.77 9.79 -13.55
CA GLN B 368 10.99 9.67 -14.77
C GLN B 368 9.72 8.82 -14.66
N VAL B 369 8.97 9.00 -13.56
CA VAL B 369 7.62 8.45 -13.47
C VAL B 369 6.62 9.58 -13.20
N SER B 370 5.34 9.31 -13.44
CA SER B 370 4.28 10.32 -13.24
C SER B 370 4.19 10.78 -11.79
N ASP B 371 3.61 11.95 -11.58
CA ASP B 371 3.30 12.44 -10.23
C ASP B 371 2.41 11.45 -9.47
N LEU B 372 1.48 10.80 -10.17
CA LEU B 372 0.63 9.83 -9.50
C LEU B 372 1.45 8.65 -8.97
N ALA B 373 2.37 8.16 -9.81
CA ALA B 373 3.23 7.04 -9.42
C ALA B 373 4.07 7.41 -8.19
N ALA B 374 4.62 8.61 -8.20
CA ALA B 374 5.40 9.07 -7.06
C ALA B 374 4.56 9.12 -5.79
N GLU B 375 3.30 9.54 -5.93
CA GLU B 375 2.37 9.56 -4.81
C GLU B 375 2.12 8.15 -4.31
N ALA B 376 2.04 7.18 -5.21
CA ALA B 376 1.83 5.80 -4.77
C ALA B 376 3.02 5.31 -3.96
N VAL B 377 4.24 5.70 -4.38
CA VAL B 377 5.45 5.36 -3.63
C VAL B 377 5.48 5.95 -2.22
N VAL B 378 5.14 7.23 -2.12
CA VAL B 378 5.06 7.93 -0.83
C VAL B 378 4.02 7.28 0.11
N LEU B 379 2.90 6.86 -0.45
CA LEU B 379 1.86 6.15 0.31
C LEU B 379 2.37 4.89 0.96
N HIS B 380 3.08 4.08 0.19
N HIS B 380 3.07 4.08 0.17
CA HIS B 380 3.49 2.76 0.67
CA HIS B 380 3.54 2.76 0.60
C HIS B 380 4.74 2.77 1.56
C HIS B 380 4.65 2.87 1.65
N TYR B 381 5.54 3.83 1.48
CA TYR B 381 6.73 3.95 2.32
C TYR B 381 6.64 4.98 3.46
N THR B 382 5.48 5.59 3.65
CA THR B 382 5.28 6.47 4.80
C THR B 382 4.64 5.68 5.93
N ASP B 383 5.16 5.84 7.15
CA ASP B 383 4.47 5.36 8.36
C ASP B 383 3.57 6.49 8.82
N TRP B 384 2.27 6.34 8.63
CA TRP B 384 1.35 7.45 8.87
C TRP B 384 1.09 7.78 10.36
N LEU B 385 1.65 6.97 11.25
CA LEU B 385 1.69 7.29 12.68
C LEU B 385 2.96 8.06 13.04
N HIS B 386 3.94 8.04 12.13
CA HIS B 386 5.18 8.80 12.32
C HIS B 386 5.66 9.37 10.98
N PRO B 387 4.86 10.27 10.35
CA PRO B 387 5.21 10.70 9.00
C PRO B 387 6.43 11.59 8.91
N GLU B 388 6.89 12.14 10.03
CA GLU B 388 8.02 13.08 9.96
C GLU B 388 9.28 12.69 10.72
N ASP B 389 9.32 11.49 11.29
CA ASP B 389 10.48 11.04 12.07
C ASP B 389 11.72 10.85 11.19
N PRO B 390 12.76 11.70 11.38
CA PRO B 390 13.95 11.67 10.51
C PRO B 390 14.60 10.30 10.31
N ALA B 391 14.80 9.54 11.39
CA ALA B 391 15.46 8.24 11.26
C ALA B 391 14.65 7.27 10.40
N ARG B 392 13.35 7.18 10.67
CA ARG B 392 12.43 6.39 9.85
C ARG B 392 12.37 6.83 8.39
N LEU B 393 12.45 8.14 8.12
CA LEU B 393 12.46 8.64 6.74
C LEU B 393 13.75 8.25 5.99
N ARG B 394 14.89 8.34 6.69
CA ARG B 394 16.16 7.85 6.16
C ARG B 394 16.07 6.38 5.75
N GLU B 395 15.50 5.56 6.64
CA GLU B 395 15.41 4.12 6.40
C GLU B 395 14.45 3.82 5.26
N ALA B 396 13.38 4.61 5.16
CA ALA B 396 12.37 4.43 4.13
C ALA B 396 12.89 4.78 2.73
N LEU B 397 13.64 5.86 2.61
CA LEU B 397 14.24 6.20 1.33
C LEU B 397 15.28 5.16 0.89
N SER B 398 16.06 4.63 1.83
CA SER B 398 16.95 3.49 1.53
C SER B 398 16.19 2.27 0.97
N ASP B 399 15.08 1.93 1.62
CA ASP B 399 14.23 0.83 1.19
C ASP B 399 13.63 1.10 -0.18
N VAL B 400 13.17 2.35 -0.43
CA VAL B 400 12.65 2.68 -1.76
C VAL B 400 13.68 2.37 -2.87
N VAL B 401 14.89 2.88 -2.68
CA VAL B 401 15.93 2.75 -3.70
C VAL B 401 16.35 1.28 -3.87
N GLY B 402 16.50 0.58 -2.74
CA GLY B 402 16.93 -0.81 -2.76
C GLY B 402 15.89 -1.77 -3.31
N ASP B 403 14.63 -1.56 -2.92
CA ASP B 403 13.51 -2.38 -3.38
C ASP B 403 13.29 -2.24 -4.88
N HIS B 404 13.16 -0.99 -5.32
CA HIS B 404 12.91 -0.64 -6.71
C HIS B 404 14.05 -1.15 -7.62
N ASN B 405 15.29 -0.92 -7.22
CA ASN B 405 16.41 -1.27 -8.10
C ASN B 405 16.91 -2.73 -8.01
N VAL B 406 16.83 -3.35 -6.83
CA VAL B 406 17.51 -4.63 -6.61
C VAL B 406 16.61 -5.77 -6.05
N VAL B 407 16.08 -5.59 -4.85
CA VAL B 407 15.30 -6.64 -4.17
C VAL B 407 14.13 -7.14 -5.00
N CYS B 408 13.29 -6.22 -5.45
CA CYS B 408 12.09 -6.63 -6.18
C CYS B 408 12.36 -7.26 -7.58
N PRO B 409 13.26 -6.66 -8.38
CA PRO B 409 13.66 -7.40 -9.59
C PRO B 409 14.23 -8.80 -9.30
N VAL B 410 15.09 -8.93 -8.29
CA VAL B 410 15.57 -10.24 -7.87
C VAL B 410 14.41 -11.17 -7.40
N ALA B 411 13.50 -10.67 -6.55
CA ALA B 411 12.34 -11.49 -6.12
C ALA B 411 11.54 -11.99 -7.33
N GLN B 412 11.30 -11.10 -8.28
CA GLN B 412 10.48 -11.41 -9.42
C GLN B 412 11.15 -12.46 -10.31
N LEU B 413 12.46 -12.30 -10.52
CA LEU B 413 13.23 -13.26 -11.30
C LEU B 413 13.18 -14.61 -10.59
N ALA B 414 13.39 -14.62 -9.28
CA ALA B 414 13.42 -15.88 -8.54
C ALA B 414 12.06 -16.63 -8.59
N GLY B 415 10.97 -15.88 -8.42
CA GLY B 415 9.63 -16.45 -8.41
C GLY B 415 9.22 -17.02 -9.76
N ARG B 416 9.46 -16.27 -10.83
CA ARG B 416 9.12 -16.75 -12.17
C ARG B 416 9.95 -17.98 -12.56
N LEU B 417 11.25 -17.95 -12.25
CA LEU B 417 12.13 -19.07 -12.57
C LEU B 417 11.70 -20.33 -11.84
N ALA B 418 11.46 -20.19 -10.53
CA ALA B 418 10.99 -21.33 -9.72
C ALA B 418 9.69 -21.90 -10.28
N ALA B 419 8.73 -21.03 -10.57
CA ALA B 419 7.43 -21.46 -11.09
C ALA B 419 7.53 -22.11 -12.48
N GLN B 420 8.54 -21.74 -13.25
CA GLN B 420 8.62 -22.21 -14.63
C GLN B 420 9.73 -23.22 -14.87
N GLY B 421 10.05 -23.99 -13.83
CA GLY B 421 10.90 -25.16 -13.99
C GLY B 421 12.26 -25.19 -13.31
N ALA B 422 12.76 -24.05 -12.84
CA ALA B 422 14.14 -24.02 -12.34
C ALA B 422 14.20 -24.39 -10.88
N ARG B 423 15.35 -24.92 -10.46
CA ARG B 423 15.61 -25.02 -9.03
C ARG B 423 16.34 -23.75 -8.58
N VAL B 424 15.78 -23.07 -7.58
CA VAL B 424 16.29 -21.76 -7.16
C VAL B 424 16.62 -21.74 -5.69
N TYR B 425 17.79 -21.21 -5.33
CA TYR B 425 18.15 -20.99 -3.93
C TYR B 425 18.33 -19.50 -3.70
N ALA B 426 17.84 -18.98 -2.57
CA ALA B 426 17.88 -17.55 -2.32
C ALA B 426 18.46 -17.23 -0.95
N TYR B 427 19.14 -16.08 -0.84
CA TYR B 427 19.78 -15.70 0.41
C TYR B 427 19.62 -14.22 0.65
N VAL B 428 19.83 -13.81 1.90
CA VAL B 428 20.04 -12.41 2.24
C VAL B 428 21.31 -12.34 3.09
N PHE B 429 22.23 -11.46 2.73
CA PHE B 429 23.53 -11.42 3.38
C PHE B 429 23.49 -10.36 4.45
N GLU B 430 23.73 -10.75 5.71
CA GLU B 430 23.44 -9.87 6.85
C GLU B 430 24.62 -9.54 7.74
N HIS B 431 25.83 -9.91 7.32
CA HIS B 431 26.99 -9.59 8.14
C HIS B 431 27.66 -8.28 7.72
N ARG B 432 27.90 -7.41 8.69
CA ARG B 432 28.61 -6.17 8.42
C ARG B 432 30.10 -6.38 8.76
N ALA B 433 30.94 -6.38 7.73
CA ALA B 433 32.35 -6.67 7.92
C ALA B 433 32.99 -5.80 9.00
N SER B 434 33.79 -6.43 9.86
CA SER B 434 34.48 -5.72 10.94
C SER B 434 35.34 -4.59 10.40
N THR B 435 35.75 -4.70 9.14
CA THR B 435 36.64 -3.71 8.54
C THR B 435 35.94 -2.62 7.73
N LEU B 436 34.61 -2.66 7.67
CA LEU B 436 33.84 -1.74 6.84
C LEU B 436 34.07 -0.28 7.18
N SER B 437 34.32 0.55 6.18
CA SER B 437 34.67 1.95 6.42
C SER B 437 33.54 2.98 6.17
N TRP B 438 32.40 2.52 5.63
CA TRP B 438 31.23 3.39 5.48
C TRP B 438 30.54 3.55 6.83
N PRO B 439 29.77 4.62 7.03
CA PRO B 439 29.17 4.85 8.35
C PRO B 439 28.21 3.75 8.81
N LEU B 440 27.91 3.74 10.10
CA LEU B 440 27.10 2.67 10.67
C LEU B 440 25.67 2.68 10.11
N TRP B 441 25.12 3.87 9.87
CA TRP B 441 23.73 3.96 9.40
C TRP B 441 23.47 3.19 8.10
N MET B 442 24.50 3.04 7.24
CA MET B 442 24.33 2.36 5.97
C MET B 442 24.20 0.83 6.08
N GLY B 443 24.41 0.29 7.29
CA GLY B 443 24.20 -1.14 7.53
C GLY B 443 25.14 -2.03 6.73
N VAL B 444 24.58 -2.98 5.99
CA VAL B 444 25.35 -3.78 5.04
C VAL B 444 25.10 -3.35 3.59
N PRO B 445 25.98 -2.50 3.04
CA PRO B 445 25.64 -1.89 1.75
C PRO B 445 25.93 -2.77 0.53
N HIS B 446 25.47 -2.28 -0.60
CA HIS B 446 25.61 -2.92 -1.89
C HIS B 446 27.09 -3.21 -2.13
N GLY B 447 27.41 -4.48 -2.41
CA GLY B 447 28.77 -4.81 -2.78
C GLY B 447 29.59 -5.43 -1.68
N TYR B 448 29.07 -5.46 -0.45
CA TYR B 448 29.90 -5.89 0.66
C TYR B 448 29.80 -7.36 1.06
N GLU B 449 29.13 -8.16 0.25
CA GLU B 449 29.24 -9.61 0.42
C GLU B 449 30.41 -10.18 -0.40
N ILE B 450 30.86 -9.44 -1.41
CA ILE B 450 31.82 -10.01 -2.39
C ILE B 450 33.13 -10.46 -1.73
N GLU B 451 33.69 -9.60 -0.88
CA GLU B 451 34.96 -9.94 -0.22
C GLU B 451 34.93 -11.25 0.59
N PHE B 452 33.76 -11.56 1.18
CA PHE B 452 33.57 -12.85 1.84
C PHE B 452 33.45 -14.03 0.89
N ILE B 453 32.73 -13.87 -0.21
CA ILE B 453 32.57 -14.95 -1.20
C ILE B 453 33.94 -15.33 -1.81
N PHE B 454 34.82 -14.35 -1.94
CA PHE B 454 36.13 -14.58 -2.55
C PHE B 454 37.18 -14.99 -1.51
N GLY B 455 36.80 -15.02 -0.23
CA GLY B 455 37.70 -15.51 0.81
C GLY B 455 38.81 -14.54 1.20
N ILE B 456 38.62 -13.28 0.86
CA ILE B 456 39.54 -12.21 1.22
C ILE B 456 39.98 -12.15 2.70
N PRO B 457 39.05 -12.44 3.65
CA PRO B 457 39.52 -12.50 5.04
C PRO B 457 40.65 -13.50 5.31
N LEU B 458 40.87 -14.47 4.43
CA LEU B 458 42.01 -15.38 4.61
C LEU B 458 43.36 -14.71 4.35
N ASP B 459 43.33 -13.53 3.76
CA ASP B 459 44.56 -12.79 3.45
C ASP B 459 45.20 -12.25 4.74
N PRO B 460 46.39 -12.76 5.07
CA PRO B 460 47.08 -12.43 6.32
C PRO B 460 47.31 -10.93 6.51
N SER B 461 47.65 -10.21 5.44
CA SER B 461 47.94 -8.77 5.55
C SER B 461 46.72 -7.94 5.96
N ARG B 462 45.53 -8.53 5.86
CA ARG B 462 44.32 -7.83 6.27
C ARG B 462 43.93 -8.22 7.69
N ASN B 463 43.06 -7.43 8.30
CA ASN B 463 42.79 -7.54 9.72
C ASN B 463 41.36 -7.98 10.03
N TYR B 464 40.87 -9.04 9.38
CA TYR B 464 39.55 -9.57 9.69
C TYR B 464 39.62 -10.45 10.94
N THR B 465 38.50 -10.65 11.62
CA THR B 465 38.49 -11.52 12.81
C THR B 465 38.54 -12.98 12.40
N ALA B 466 38.83 -13.86 13.35
CA ALA B 466 38.84 -15.30 13.13
C ALA B 466 37.49 -15.85 12.72
N GLU B 467 36.41 -15.32 13.33
CA GLU B 467 35.04 -15.69 12.99
C GLU B 467 34.72 -15.38 11.55
N GLU B 468 35.17 -14.22 11.10
CA GLU B 468 34.99 -13.83 9.71
C GLU B 468 35.73 -14.75 8.75
N LYS B 469 36.88 -15.28 9.19
CA LYS B 469 37.63 -16.27 8.38
C LYS B 469 36.81 -17.56 8.26
N ILE B 470 36.22 -17.97 9.38
CA ILE B 470 35.35 -19.15 9.39
C ILE B 470 34.12 -18.92 8.50
N PHE B 471 33.48 -17.77 8.65
CA PHE B 471 32.34 -17.35 7.79
C PHE B 471 32.70 -17.44 6.30
N ALA B 472 33.82 -16.83 5.93
CA ALA B 472 34.28 -16.84 4.52
C ALA B 472 34.42 -18.25 3.98
N GLN B 473 35.01 -19.13 4.80
CA GLN B 473 35.15 -20.54 4.43
C GLN B 473 33.80 -21.24 4.19
N ARG B 474 32.80 -20.97 5.05
CA ARG B 474 31.45 -21.51 4.85
C ARG B 474 30.85 -21.06 3.52
N LEU B 475 30.96 -19.75 3.25
CA LEU B 475 30.38 -19.17 2.03
C LEU B 475 31.04 -19.74 0.78
N MET B 476 32.36 -19.79 0.78
CA MET B 476 33.10 -20.35 -0.35
C MET B 476 32.63 -21.79 -0.60
N ARG B 477 32.42 -22.53 0.48
CA ARG B 477 31.93 -23.91 0.39
C ARG B 477 30.54 -24.00 -0.26
N TYR B 478 29.61 -23.12 0.16
CA TYR B 478 28.25 -23.09 -0.43
C TYR B 478 28.32 -22.79 -1.92
N TRP B 479 29.08 -21.75 -2.28
CA TRP B 479 29.21 -21.36 -3.70
C TRP B 479 29.79 -22.49 -4.57
N ALA B 480 30.82 -23.16 -4.07
CA ALA B 480 31.45 -24.25 -4.84
C ALA B 480 30.58 -25.50 -4.90
N ASN B 481 29.90 -25.81 -3.79
CA ASN B 481 28.94 -26.92 -3.79
C ASN B 481 27.89 -26.67 -4.87
N PHE B 482 27.35 -25.45 -4.92
CA PHE B 482 26.42 -25.07 -5.97
C PHE B 482 27.05 -25.23 -7.37
N ALA B 483 28.28 -24.74 -7.56
CA ALA B 483 28.96 -24.93 -8.85
C ALA B 483 29.14 -26.41 -9.21
N ARG B 484 29.53 -27.23 -8.24
CA ARG B 484 29.68 -28.67 -8.53
C ARG B 484 28.35 -29.40 -8.74
N THR B 485 27.38 -29.19 -7.86
CA THR B 485 26.21 -30.07 -7.84
C THR B 485 24.87 -29.40 -8.18
N GLY B 486 24.84 -28.08 -8.21
CA GLY B 486 23.59 -27.37 -8.41
C GLY B 486 22.84 -27.22 -7.10
N ASP B 487 23.53 -27.52 -6.00
CA ASP B 487 22.91 -27.51 -4.69
C ASP B 487 23.96 -27.06 -3.69
N PRO B 488 23.70 -25.96 -2.98
CA PRO B 488 24.72 -25.44 -2.05
C PRO B 488 24.89 -26.28 -0.80
N ASN B 489 23.95 -27.20 -0.53
CA ASN B 489 23.98 -28.01 0.68
C ASN B 489 25.05 -29.08 0.73
N GLU B 490 25.52 -29.36 1.95
CA GLU B 490 26.59 -30.33 2.19
C GLU B 490 26.19 -31.80 1.99
N PRO B 491 26.77 -32.45 0.96
CA PRO B 491 26.50 -33.82 0.52
C PRO B 491 26.39 -34.82 1.67
N PRO B 494 24.36 -33.21 6.64
CA PRO B 494 24.33 -34.02 7.86
C PRO B 494 23.47 -33.42 8.97
N LYS B 495 24.11 -32.93 10.04
CA LYS B 495 23.41 -32.32 11.16
C LYS B 495 23.26 -30.81 10.95
N ALA B 496 24.09 -30.27 10.05
CA ALA B 496 24.05 -28.85 9.67
C ALA B 496 22.70 -28.47 9.06
N PRO B 497 22.19 -27.26 9.41
CA PRO B 497 20.89 -26.77 8.92
C PRO B 497 20.84 -26.71 7.39
N GLN B 498 19.71 -27.12 6.83
CA GLN B 498 19.59 -27.26 5.38
C GLN B 498 19.05 -25.97 4.77
N TRP B 499 19.52 -25.69 3.55
CA TRP B 499 19.08 -24.53 2.80
C TRP B 499 18.03 -25.01 1.80
N PRO B 500 16.75 -24.66 2.04
CA PRO B 500 15.66 -25.12 1.17
C PRO B 500 15.56 -24.26 -0.09
N PRO B 501 15.08 -24.86 -1.19
CA PRO B 501 14.77 -24.16 -2.44
C PRO B 501 13.74 -23.04 -2.29
N TYR B 502 13.88 -22.02 -3.14
CA TYR B 502 12.94 -20.91 -3.15
C TYR B 502 11.81 -21.27 -4.09
N THR B 503 10.57 -21.02 -3.67
CA THR B 503 9.41 -21.29 -4.52
C THR B 503 8.48 -20.08 -4.47
N ALA B 504 7.65 -19.92 -5.49
CA ALA B 504 6.75 -18.77 -5.56
C ALA B 504 5.74 -18.69 -4.40
N GLY B 505 5.36 -19.84 -3.83
CA GLY B 505 4.44 -19.87 -2.70
C GLY B 505 5.07 -19.72 -1.33
N ALA B 506 5.85 -20.71 -0.91
CA ALA B 506 6.55 -20.60 0.37
C ALA B 506 7.61 -19.47 0.42
N GLN B 507 8.23 -19.15 -0.72
CA GLN B 507 9.17 -18.01 -0.79
C GLN B 507 10.29 -18.06 0.28
N GLN B 508 10.84 -19.26 0.51
CA GLN B 508 11.81 -19.42 1.59
C GLN B 508 13.24 -19.01 1.18
N TYR B 509 13.96 -18.30 2.04
CA TYR B 509 15.37 -17.96 1.81
C TYR B 509 16.15 -18.13 3.13
N VAL B 510 17.49 -18.14 3.08
CA VAL B 510 18.29 -18.15 4.31
C VAL B 510 19.07 -16.85 4.59
N SER B 511 19.31 -16.60 5.87
CA SER B 511 20.15 -15.49 6.28
C SER B 511 21.61 -15.92 6.37
N LEU B 512 22.50 -15.18 5.71
CA LEU B 512 23.92 -15.48 5.74
C LEU B 512 24.61 -14.51 6.69
N ASP B 513 25.00 -15.02 7.85
CA ASP B 513 25.80 -14.23 8.80
C ASP B 513 26.66 -15.14 9.70
N LEU B 514 27.21 -14.59 10.77
CA LEU B 514 28.05 -15.37 11.69
C LEU B 514 27.33 -16.51 12.41
N ARG B 515 25.99 -16.43 12.52
CA ARG B 515 25.17 -17.50 13.10
C ARG B 515 24.88 -18.56 12.05
N PRO B 516 24.38 -19.75 12.47
CA PRO B 516 24.02 -20.80 11.50
C PRO B 516 22.85 -20.37 10.63
N LEU B 517 22.62 -21.03 9.48
CA LEU B 517 21.48 -20.70 8.61
C LEU B 517 20.17 -20.61 9.38
N GLU B 518 19.43 -19.52 9.13
CA GLU B 518 18.07 -19.40 9.64
C GLU B 518 17.16 -19.22 8.42
N VAL B 519 16.14 -20.07 8.31
CA VAL B 519 15.20 -20.01 7.19
C VAL B 519 14.11 -18.97 7.44
N ARG B 520 13.88 -18.09 6.46
CA ARG B 520 12.78 -17.12 6.56
C ARG B 520 11.90 -17.13 5.32
N ARG B 521 10.81 -16.37 5.33
CA ARG B 521 9.87 -16.37 4.20
C ARG B 521 9.67 -14.97 3.65
N GLY B 522 9.69 -14.86 2.32
CA GLY B 522 9.37 -13.62 1.65
C GLY B 522 10.50 -12.62 1.49
N LEU B 523 10.89 -12.37 0.24
CA LEU B 523 11.85 -11.31 -0.05
C LEU B 523 11.11 -9.97 -0.15
N ARG B 524 10.91 -9.29 0.98
N ARG B 524 10.90 -9.33 1.00
CA ARG B 524 10.13 -8.06 1.04
CA ARG B 524 10.12 -8.10 1.11
C ARG B 524 8.80 -8.21 0.27
C ARG B 524 8.82 -8.21 0.31
N ALA B 525 8.04 -9.23 0.64
CA ALA B 525 6.82 -9.59 -0.11
C ALA B 525 5.79 -8.48 -0.28
N GLN B 526 5.47 -7.77 0.81
CA GLN B 526 4.45 -6.72 0.75
C GLN B 526 4.93 -5.59 -0.15
N ALA B 527 6.18 -5.20 0.03
CA ALA B 527 6.78 -4.12 -0.75
C ALA B 527 6.91 -4.51 -2.21
N CYS B 528 7.37 -5.73 -2.47
CA CYS B 528 7.59 -6.11 -3.85
C CYS B 528 6.31 -6.34 -4.64
N ALA B 529 5.20 -6.57 -3.95
CA ALA B 529 3.91 -6.72 -4.62
C ALA B 529 3.54 -5.38 -5.21
N PHE B 530 3.89 -4.30 -4.49
CA PHE B 530 3.75 -2.95 -5.06
C PHE B 530 4.57 -2.76 -6.36
N TRP B 531 5.88 -3.01 -6.30
CA TRP B 531 6.75 -2.78 -7.47
C TRP B 531 6.48 -3.74 -8.64
N ASN B 532 6.29 -5.02 -8.33
CA ASN B 532 6.12 -6.03 -9.39
C ASN B 532 4.68 -6.27 -9.88
N ARG B 533 3.68 -6.01 -9.04
CA ARG B 533 2.32 -6.33 -9.47
C ARG B 533 1.46 -5.11 -9.78
N PHE B 534 1.49 -4.12 -8.89
CA PHE B 534 0.59 -2.98 -9.06
C PHE B 534 1.16 -1.84 -9.90
N LEU B 535 2.29 -1.29 -9.49
CA LEU B 535 2.88 -0.14 -10.19
C LEU B 535 2.93 -0.26 -11.73
N PRO B 536 3.24 -1.46 -12.27
CA PRO B 536 3.22 -1.51 -13.74
C PRO B 536 1.83 -1.25 -14.35
N LYS B 537 0.76 -1.66 -13.66
CA LYS B 537 -0.61 -1.38 -14.13
C LYS B 537 -0.90 0.10 -14.08
N LEU B 538 -0.42 0.76 -13.03
CA LEU B 538 -0.60 2.20 -12.93
C LEU B 538 0.13 2.90 -14.08
N LEU B 539 1.34 2.45 -14.38
CA LEU B 539 2.10 3.07 -15.48
C LEU B 539 1.43 2.91 -16.87
N SER B 540 0.82 1.75 -17.15
CA SER B 540 0.06 1.54 -18.40
C SER B 540 -1.20 2.41 -18.51
N ALA B 541 -1.86 2.67 -17.38
CA ALA B 541 -3.13 3.39 -17.36
C ALA B 541 -2.97 4.91 -17.23
C1 NAG C . -21.55 -20.77 3.35
C2 NAG C . -20.87 -21.67 2.30
C3 NAG C . -21.03 -21.21 0.87
C4 NAG C . -22.40 -20.63 0.58
C5 NAG C . -22.76 -19.63 1.68
C6 NAG C . -24.06 -18.91 1.40
C7 NAG C . -18.92 -22.74 3.29
C8 NAG C . -19.50 -24.11 3.05
N2 NAG C . -19.45 -21.74 2.59
O3 NAG C . -20.84 -22.32 0.01
O4 NAG C . -22.36 -20.03 -0.70
O5 NAG C . -22.82 -20.31 2.92
O6 NAG C . -25.09 -19.84 1.18
O7 NAG C . -17.99 -22.56 4.09
C1 NAG C . -23.29 -20.35 -1.76
C2 NAG C . -23.61 -19.29 -2.81
C3 NAG C . -24.65 -19.75 -3.84
C4 NAG C . -24.35 -21.17 -4.32
C5 NAG C . -24.21 -22.08 -3.10
C6 NAG C . -24.00 -23.54 -3.50
C7 NAG C . -23.25 -17.04 -1.87
C8 NAG C . -23.75 -16.04 -0.87
N2 NAG C . -24.06 -18.07 -2.14
O3 NAG C . -24.68 -18.86 -4.94
O4 NAG C . -25.37 -21.67 -5.17
O5 NAG C . -23.12 -21.64 -2.31
O6 NAG C . -23.95 -24.31 -2.31
O7 NAG C . -22.15 -16.87 -2.41
C1 FUC C . -26.32 -20.00 1.97
C2 FUC C . -27.06 -20.99 1.05
C3 FUC C . -26.44 -22.39 1.15
C4 FUC C . -26.45 -22.85 2.62
C5 FUC C . -25.70 -21.81 3.49
C6 FUC C . -25.74 -22.11 5.00
O2 FUC C . -27.10 -20.56 -0.32
O3 FUC C . -27.18 -23.32 0.38
O4 FUC C . -27.78 -23.03 3.09
O5 FUC C . -26.26 -20.47 3.31
C1 NAG D . 24.79 16.25 6.20
C2 NAG D . 24.01 17.51 6.57
C3 NAG D . 23.22 18.07 5.39
C4 NAG D . 24.20 18.31 4.25
C5 NAG D . 24.84 16.96 3.90
C6 NAG D . 25.75 17.05 2.68
C7 NAG D . 23.26 17.89 8.82
C8 NAG D . 24.07 19.16 8.79
N2 NAG D . 23.12 17.23 7.67
O3 NAG D . 22.58 19.27 5.74
O4 NAG D . 23.54 18.87 3.14
O5 NAG D . 25.54 16.44 5.02
O6 NAG D . 26.82 17.94 2.89
O7 NAG D . 22.76 17.48 9.88
C1 NAG D . 23.83 20.21 2.64
C2 NAG D . 23.41 20.12 1.19
C3 NAG D . 24.11 21.18 0.34
C4 NAG D . 23.94 22.56 0.97
C5 NAG D . 24.30 22.56 2.46
C6 NAG D . 23.91 23.89 3.09
C7 NAG D . 22.72 17.97 0.25
C8 NAG D . 21.33 18.52 0.12
N2 NAG D . 23.68 18.80 0.65
O3 NAG D . 23.55 21.19 -0.96
O4 NAG D . 24.72 23.51 0.27
O5 NAG D . 23.64 21.51 3.16
O6 NAG D . 23.59 23.69 4.46
O7 NAG D . 22.94 16.78 -0.01
C1 FUC D . 28.22 17.53 3.05
C2 FUC D . 28.79 18.95 2.88
C3 FUC D . 28.53 19.78 4.14
C4 FUC D . 29.10 19.06 5.39
C5 FUC D . 28.51 17.62 5.46
C6 FUC D . 29.11 16.76 6.56
O2 FUC D . 28.30 19.61 1.72
O3 FUC D . 29.14 21.08 4.04
O4 FUC D . 30.52 19.02 5.33
O5 FUC D . 28.70 16.89 4.22
C1 EDO E . -5.85 -11.69 3.26
O1 EDO E . -5.38 -10.34 3.30
C2 EDO E . -5.22 -12.48 2.12
O2 EDO E . -3.81 -12.23 2.03
C1 EDO F . -3.64 9.22 8.86
O1 EDO F . -3.31 10.62 8.98
C2 EDO F . -3.62 8.80 7.40
O2 EDO F . -4.57 9.55 6.62
C1 NAG G . 26.81 8.42 -45.10
C2 NAG G . 26.15 7.46 -46.09
C3 NAG G . 27.11 6.33 -46.49
C4 NAG G . 28.42 6.94 -47.01
C5 NAG G . 29.02 7.80 -45.90
C6 NAG G . 30.41 8.36 -46.24
C7 NAG G . 23.72 7.23 -45.95
C8 NAG G . 22.60 6.28 -45.59
N2 NAG G . 24.95 6.89 -45.52
O3 NAG G . 26.52 5.51 -47.46
O4 NAG G . 29.31 5.91 -47.41
O5 NAG G . 28.10 8.83 -45.52
O6 NAG G . 30.45 9.00 -47.49
O7 NAG G . 23.50 8.24 -46.60
C1 EDO H . 8.38 7.97 7.59
O1 EDO H . 7.01 7.80 7.99
C2 EDO H . 9.07 6.65 7.28
O2 EDO H . 8.18 5.66 6.75
N NO3 I . 16.10 4.06 -32.70
O1 NO3 I . 15.45 2.81 -32.78
O2 NO3 I . 15.43 5.15 -32.16
O3 NO3 I . 17.40 4.20 -33.17
N NO3 J . 4.97 -11.11 -4.22
O1 NO3 J . 4.73 -10.28 -5.34
O2 NO3 J . 5.50 -10.53 -3.10
O3 NO3 J . 4.70 -12.50 -4.19
O1 PE8 K . 16.23 -6.39 -37.83
C2 PE8 K . 14.96 -5.87 -37.76
C3 PE8 K . 14.83 -4.45 -37.33
O4 PE8 K . 14.52 -4.20 -36.01
C5 PE8 K . 14.66 -2.94 -35.48
C6 PE8 K . 16.05 -2.44 -35.24
O7 PE8 K . 17.04 -3.39 -35.13
C8 PE8 K . 18.29 -3.08 -34.64
C9 PE8 K . 19.38 -4.06 -34.94
O10 PE8 K . 19.00 -5.39 -35.01
C11 PE8 K . 19.90 -6.36 -35.42
C12 PE8 K . 19.38 -7.76 -35.51
O13 PE8 K . 18.02 -7.97 -35.56
C14 PE8 K . 17.49 -9.19 -35.21
C15 PE8 K . 16.00 -9.37 -35.28
O16 PE8 K . 15.18 -8.33 -34.88
C17 PE8 K . 13.86 -8.56 -34.55
C18 PE8 K . 13.24 -7.64 -33.55
O19 PE8 K . 13.16 -6.28 -33.85
C20 PE8 K . 12.99 -5.34 -32.85
C21 PE8 K . 12.30 -5.77 -31.59
O22 PE8 K . 12.51 -5.06 -30.41
C23 PE8 K . 11.65 -5.25 -29.36
C24 PE8 K . 10.90 -6.54 -29.27
O25 PE8 K . 9.64 -6.57 -28.72
#